data_3UPR
#
_entry.id   3UPR
#
_cell.length_a   44.751
_cell.length_b   131.412
_cell.length_c   88.340
_cell.angle_alpha   90.00
_cell.angle_beta   104.30
_cell.angle_gamma   90.00
#
_symmetry.space_group_name_H-M   'P 1 21 1'
#
loop_
_entity.id
_entity.type
_entity.pdbx_description
1 polymer 'HLA class I histocompatibility antigen, B-57 alpha chain'
2 polymer pep-V
3 polymer Beta-2-microglobulin
4 non-polymer {(1S,4R)-4-[2-amino-6-(cyclopropylamino)-9H-purin-9-yl]cyclopent-2-en-1-yl}methanol
5 non-polymer 'CHLORIDE ION'
6 water water
#
loop_
_entity_poly.entity_id
_entity_poly.type
_entity_poly.pdbx_seq_one_letter_code
_entity_poly.pdbx_strand_id
1 'polypeptide(L)'
;MGSHSMRYFYTAMSRPGRGEPRFIAVGYVDDTQFVRFDSDAASPRMAPRAPWIEQEGPEYWDGETRNMKASAQTYRENLR
IALRYYNQSEAGSHIIQVMYGCDVGPDGRLLRGHDQSAYDGKDYIALNEDLSSWTAADTAAQITQRKWEAARVAEQLRAY
LEGLCVEWLRRYLENGKETLQRADPPKTHVTHHPISDHEATLRCWALGFYPAEITLTWQRDGEDQTQDTELVETRPAGDR
TFQKWAAVVVPSGEEQRYTCHVQHEGLPKPLTLRWEP
;
A,C
2 'polypeptide(L)' HSITYLLPV P,Q
3 'polypeptide(L)'
;IQRTPKIQVYSRHPAENGKSNFLNCYVSGFHPSDIEVDLLKNGERIEKVEHSDLSFSKDWSFYLLYYTEFTPTEKDEYAC
RVNHVTLSQPKIVKWDRDM
;
B,D
#
# COMPACT_ATOMS: atom_id res chain seq x y z
N SER A 3 -33.89 -11.16 17.17
CA SER A 3 -32.84 -12.00 16.62
C SER A 3 -31.97 -11.28 15.60
N HIS A 4 -32.18 -9.98 15.43
CA HIS A 4 -31.39 -9.18 14.48
C HIS A 4 -31.05 -7.80 15.02
N SER A 5 -30.01 -7.19 14.45
CA SER A 5 -29.55 -5.89 14.95
C SER A 5 -28.86 -5.07 13.85
N MET A 6 -29.02 -3.75 13.92
CA MET A 6 -28.27 -2.83 13.08
C MET A 6 -27.49 -1.87 13.97
N ARG A 7 -26.22 -1.65 13.62
CA ARG A 7 -25.33 -0.84 14.45
C ARG A 7 -24.46 0.07 13.60
N TYR A 8 -24.29 1.31 14.06
CA TYR A 8 -23.35 2.24 13.43
C TYR A 8 -22.24 2.57 14.43
N PHE A 9 -21.00 2.48 13.97
CA PHE A 9 -19.85 2.76 14.83
C PHE A 9 -19.11 3.97 14.27
N TYR A 10 -19.10 5.07 15.02
CA TYR A 10 -18.41 6.28 14.60
C TYR A 10 -17.14 6.46 15.45
N THR A 11 -16.04 6.77 14.78
CA THR A 11 -14.78 7.04 15.47
C THR A 11 -14.24 8.38 14.99
N ALA A 12 -14.04 9.31 15.93
CA ALA A 12 -13.44 10.61 15.62
C ALA A 12 -12.11 10.74 16.38
N MET A 13 -11.03 10.96 15.66
CA MET A 13 -9.70 10.99 16.23
CA MET A 13 -9.72 11.02 16.27
C MET A 13 -8.97 12.29 15.92
N SER A 14 -8.64 13.08 16.95
CA SER A 14 -7.83 14.27 16.75
C SER A 14 -6.35 13.90 16.60
N ARG A 15 -5.59 14.74 15.92
CA ARG A 15 -4.21 14.44 15.59
C ARG A 15 -3.46 15.72 15.21
N PRO A 16 -3.15 16.55 16.21
CA PRO A 16 -2.48 17.84 15.96
C PRO A 16 -1.20 17.66 15.14
N GLY A 17 -1.11 18.36 14.01
CA GLY A 17 0.03 18.24 13.13
C GLY A 17 -0.25 17.34 11.94
N ARG A 18 -1.34 16.59 12.02
CA ARG A 18 -1.74 15.71 10.93
C ARG A 18 -3.10 16.08 10.37
N GLY A 19 -3.40 17.38 10.37
CA GLY A 19 -4.63 17.89 9.79
C GLY A 19 -5.83 17.76 10.71
N GLU A 20 -7.01 18.05 10.15
CA GLU A 20 -8.28 17.94 10.86
C GLU A 20 -8.44 16.56 11.49
N PRO A 21 -9.22 16.45 12.56
CA PRO A 21 -9.49 15.13 13.12
C PRO A 21 -10.17 14.19 12.12
N ARG A 22 -9.75 12.93 12.13
CA ARG A 22 -10.28 11.91 11.22
C ARG A 22 -11.58 11.32 11.74
N PHE A 23 -12.53 11.10 10.84
CA PHE A 23 -13.83 10.54 11.19
C PHE A 23 -14.12 9.29 10.37
N ILE A 24 -14.36 8.18 11.05
CA ILE A 24 -14.66 6.93 10.37
C ILE A 24 -15.98 6.37 10.87
N ALA A 25 -16.86 6.03 9.94
CA ALA A 25 -18.11 5.39 10.31
C ALA A 25 -18.25 4.06 9.58
N VAL A 26 -18.66 3.03 10.31
CA VAL A 26 -18.99 1.75 9.72
C VAL A 26 -20.38 1.33 10.16
N GLY A 27 -21.09 0.65 9.26
CA GLY A 27 -22.42 0.16 9.54
C GLY A 27 -22.48 -1.35 9.42
N TYR A 28 -23.14 -1.96 10.38
CA TYR A 28 -23.29 -3.42 10.45
C TYR A 28 -24.77 -3.80 10.52
N VAL A 29 -25.12 -4.91 9.87
CA VAL A 29 -26.37 -5.61 10.15
C VAL A 29 -25.99 -6.99 10.66
N ASP A 30 -26.35 -7.28 11.91
CA ASP A 30 -25.85 -8.45 12.60
C ASP A 30 -24.32 -8.44 12.56
N ASP A 31 -23.70 -9.51 12.05
CA ASP A 31 -22.24 -9.56 11.97
C ASP A 31 -21.70 -9.20 10.59
N THR A 32 -22.54 -8.57 9.77
CA THR A 32 -22.15 -8.19 8.41
C THR A 32 -22.03 -6.68 8.24
N GLN A 33 -20.84 -6.19 7.93
CA GLN A 33 -20.64 -4.77 7.60
C GLN A 33 -21.17 -4.46 6.20
N PHE A 34 -21.90 -3.35 6.06
CA PHE A 34 -22.52 -3.03 4.78
C PHE A 34 -22.17 -1.64 4.23
N VAL A 35 -21.74 -0.74 5.10
CA VAL A 35 -21.29 0.58 4.65
C VAL A 35 -20.01 1.03 5.35
N ARG A 36 -19.33 2.01 4.76
CA ARG A 36 -18.16 2.60 5.38
C ARG A 36 -18.04 4.06 4.99
N PHE A 37 -17.41 4.85 5.84
CA PHE A 37 -17.05 6.23 5.54
C PHE A 37 -15.71 6.51 6.17
N ASP A 38 -14.87 7.25 5.44
CA ASP A 38 -13.57 7.64 5.94
C ASP A 38 -13.31 9.04 5.42
N SER A 39 -13.12 9.99 6.33
CA SER A 39 -12.93 11.38 5.96
C SER A 39 -11.59 11.61 5.25
N ASP A 40 -10.68 10.65 5.40
CA ASP A 40 -9.34 10.75 4.81
C ASP A 40 -9.28 10.33 3.34
N ALA A 41 -10.27 9.56 2.90
CA ALA A 41 -10.33 9.09 1.51
C ALA A 41 -10.17 10.25 0.53
N ALA A 42 -9.62 9.96 -0.64
CA ALA A 42 -9.38 10.97 -1.68
C ALA A 42 -10.68 11.72 -2.00
N SER A 43 -11.76 10.96 -2.14
CA SER A 43 -13.10 11.52 -2.22
C SER A 43 -13.99 10.84 -1.17
N PRO A 44 -14.10 11.44 0.01
CA PRO A 44 -14.88 10.87 1.11
C PRO A 44 -16.35 10.70 0.74
N ARG A 45 -16.84 9.46 0.79
CA ARG A 45 -18.23 9.16 0.52
C ARG A 45 -18.63 7.95 1.35
N MET A 46 -19.92 7.79 1.61
CA MET A 46 -20.42 6.56 2.18
C MET A 46 -20.39 5.51 1.06
N ALA A 47 -19.76 4.37 1.32
CA ALA A 47 -19.51 3.38 0.29
C ALA A 47 -20.01 2.00 0.70
N PRO A 48 -20.47 1.20 -0.28
CA PRO A 48 -20.98 -0.14 -0.01
C PRO A 48 -19.87 -1.14 0.36
N ARG A 49 -20.15 -2.00 1.34
CA ARG A 49 -19.22 -3.05 1.74
C ARG A 49 -19.93 -4.40 1.84
N ALA A 50 -21.18 -4.43 1.39
CA ALA A 50 -21.93 -5.67 1.27
C ALA A 50 -22.66 -5.65 -0.06
N PRO A 51 -22.94 -6.84 -0.63
CA PRO A 51 -23.59 -6.95 -1.93
C PRO A 51 -24.99 -6.35 -1.94
N TRP A 52 -25.82 -6.78 -1.00
CA TRP A 52 -27.23 -6.42 -0.97
C TRP A 52 -27.55 -4.95 -0.69
N ILE A 53 -26.52 -4.13 -0.46
CA ILE A 53 -26.74 -2.72 -0.17
C ILE A 53 -26.52 -1.87 -1.43
N GLU A 54 -25.79 -2.40 -2.38
CA GLU A 54 -25.40 -1.65 -3.57
C GLU A 54 -26.59 -1.23 -4.42
N GLN A 55 -27.72 -1.92 -4.23
CA GLN A 55 -28.95 -1.64 -4.97
C GLN A 55 -29.61 -0.31 -4.61
N GLU A 56 -29.24 0.24 -3.46
CA GLU A 56 -29.78 1.54 -3.06
C GLU A 56 -29.37 2.61 -4.07
N GLY A 57 -30.27 3.56 -4.33
CA GLY A 57 -30.03 4.54 -5.38
C GLY A 57 -29.17 5.71 -4.95
N PRO A 58 -28.89 6.64 -5.88
CA PRO A 58 -28.08 7.84 -5.62
C PRO A 58 -28.54 8.68 -4.42
N GLU A 59 -29.84 8.76 -4.17
CA GLU A 59 -30.34 9.55 -3.03
C GLU A 59 -29.90 8.95 -1.69
N TYR A 60 -29.58 7.66 -1.70
CA TYR A 60 -29.09 6.98 -0.51
C TYR A 60 -27.62 7.26 -0.29
N TRP A 61 -26.82 7.12 -1.34
CA TRP A 61 -25.37 7.31 -1.22
C TRP A 61 -24.97 8.78 -1.13
N ASP A 62 -25.71 9.66 -1.82
CA ASP A 62 -25.45 11.09 -1.75
C ASP A 62 -25.82 11.64 -0.38
N GLY A 63 -27.02 11.27 0.08
CA GLY A 63 -27.52 11.71 1.37
C GLY A 63 -26.71 11.22 2.54
N GLU A 64 -26.29 9.96 2.51
CA GLU A 64 -25.46 9.38 3.55
C GLU A 64 -24.07 10.03 3.55
N THR A 65 -23.60 10.41 2.37
CA THR A 65 -22.31 11.09 2.26
C THR A 65 -22.39 12.49 2.87
N ARG A 66 -23.43 13.24 2.52
CA ARG A 66 -23.64 14.57 3.09
C ARG A 66 -23.83 14.48 4.61
N ASN A 67 -24.55 13.46 5.04
CA ASN A 67 -24.79 13.26 6.47
C ASN A 67 -23.52 12.90 7.24
N MET A 68 -22.64 12.11 6.61
CA MET A 68 -21.37 11.73 7.24
C MET A 68 -20.41 12.92 7.31
N LYS A 69 -20.44 13.75 6.27
CA LYS A 69 -19.61 14.95 6.26
C LYS A 69 -20.08 15.93 7.32
N ALA A 70 -21.40 15.99 7.52
CA ALA A 70 -21.98 16.83 8.56
C ALA A 70 -21.65 16.26 9.93
N SER A 71 -21.82 14.95 10.10
CA SER A 71 -21.53 14.29 11.37
C SER A 71 -20.07 14.44 11.76
N ALA A 72 -19.18 14.42 10.77
CA ALA A 72 -17.74 14.52 11.01
C ALA A 72 -17.40 15.88 11.58
N GLN A 73 -18.04 16.93 11.07
CA GLN A 73 -17.81 18.28 11.54
C GLN A 73 -18.32 18.49 12.96
N THR A 74 -19.48 17.92 13.27
CA THR A 74 -20.06 17.98 14.60
C THR A 74 -19.18 17.24 15.62
N TYR A 75 -18.65 16.08 15.23
CA TYR A 75 -17.76 15.32 16.10
C TYR A 75 -16.44 16.05 16.33
N ARG A 76 -16.02 16.86 15.36
CA ARG A 76 -14.83 17.68 15.53
C ARG A 76 -15.11 18.81 16.51
N GLU A 77 -16.30 19.36 16.43
CA GLU A 77 -16.77 20.37 17.36
C GLU A 77 -16.77 19.76 18.76
N ASN A 78 -17.30 18.55 18.85
CA ASN A 78 -17.42 17.85 20.12
C ASN A 78 -16.08 17.45 20.76
N LEU A 79 -15.08 17.20 19.93
CA LEU A 79 -13.75 16.93 20.43
C LEU A 79 -13.24 18.20 21.12
N ARG A 80 -13.48 19.34 20.51
CA ARG A 80 -13.08 20.63 21.06
C ARG A 80 -13.80 20.92 22.38
N ILE A 81 -15.10 20.66 22.43
CA ILE A 81 -15.88 20.89 23.64
C ILE A 81 -15.33 20.04 24.77
N ALA A 82 -15.01 18.78 24.47
CA ALA A 82 -14.48 17.86 25.45
C ALA A 82 -13.13 18.33 25.98
N LEU A 83 -12.34 18.94 25.11
CA LEU A 83 -11.08 19.54 25.54
C LEU A 83 -11.30 20.55 26.66
N ARG A 84 -12.40 21.30 26.56
CA ARG A 84 -12.75 22.31 27.53
C ARG A 84 -13.30 21.70 28.81
N TYR A 85 -14.14 20.67 28.65
CA TYR A 85 -14.69 19.95 29.80
C TYR A 85 -13.59 19.38 30.67
N TYR A 86 -12.57 18.80 30.02
CA TYR A 86 -11.50 18.09 30.73
C TYR A 86 -10.25 18.94 30.98
N ASN A 87 -10.30 20.21 30.56
CA ASN A 87 -9.14 21.11 30.66
C ASN A 87 -7.89 20.57 29.98
N GLN A 88 -8.07 19.93 28.83
CA GLN A 88 -6.97 19.32 28.12
C GLN A 88 -6.39 20.21 27.02
N SER A 89 -5.18 19.87 26.57
CA SER A 89 -4.45 20.68 25.61
C SER A 89 -4.88 20.38 24.18
N GLU A 90 -4.83 21.40 23.33
CA GLU A 90 -5.17 21.26 21.93
C GLU A 90 -4.08 20.54 21.15
N ALA A 91 -2.93 20.33 21.80
CA ALA A 91 -1.82 19.64 21.17
C ALA A 91 -1.86 18.16 21.53
N GLY A 92 -2.87 17.77 22.28
CA GLY A 92 -3.06 16.37 22.64
C GLY A 92 -3.93 15.68 21.61
N SER A 93 -3.81 14.36 21.52
CA SER A 93 -4.61 13.58 20.59
C SER A 93 -5.68 12.79 21.34
N HIS A 94 -6.93 12.93 20.94
CA HIS A 94 -8.03 12.26 21.63
C HIS A 94 -8.99 11.56 20.68
N ILE A 95 -9.87 10.74 21.24
CA ILE A 95 -10.81 9.94 20.44
C ILE A 95 -12.23 9.95 21.00
N ILE A 96 -13.21 10.21 20.15
CA ILE A 96 -14.61 9.98 20.48
C ILE A 96 -15.08 8.72 19.75
N GLN A 97 -15.71 7.80 20.48
CA GLN A 97 -16.27 6.61 19.87
C GLN A 97 -17.75 6.52 20.23
N VAL A 98 -18.60 6.37 19.22
CA VAL A 98 -20.04 6.30 19.43
C VAL A 98 -20.65 5.11 18.69
N MET A 99 -21.38 4.28 19.40
CA MET A 99 -22.12 3.20 18.78
CA MET A 99 -22.13 3.17 18.81
C MET A 99 -23.61 3.37 19.05
N TYR A 100 -24.42 3.26 18.00
CA TYR A 100 -25.86 3.38 18.15
C TYR A 100 -26.58 2.43 17.20
N GLY A 101 -27.80 2.06 17.57
CA GLY A 101 -28.60 1.17 16.74
C GLY A 101 -29.68 0.42 17.49
N CYS A 102 -30.33 -0.51 16.78
CA CYS A 102 -31.51 -1.18 17.30
C CYS A 102 -31.42 -2.70 17.15
N ASP A 103 -31.92 -3.40 18.15
CA ASP A 103 -32.11 -4.84 18.07
C ASP A 103 -33.60 -5.10 17.89
N VAL A 104 -33.97 -5.90 16.89
CA VAL A 104 -35.37 -6.29 16.72
C VAL A 104 -35.52 -7.81 16.85
N GLY A 105 -36.68 -8.25 17.32
CA GLY A 105 -36.93 -9.66 17.54
C GLY A 105 -37.26 -10.38 16.25
N PRO A 106 -37.64 -11.67 16.35
CA PRO A 106 -38.01 -12.46 15.19
C PRO A 106 -39.32 -11.97 14.57
N ASP A 107 -40.09 -11.20 15.34
CA ASP A 107 -41.33 -10.62 14.84
C ASP A 107 -41.07 -9.33 14.04
N GLY A 108 -39.84 -8.85 14.12
CA GLY A 108 -39.43 -7.68 13.38
C GLY A 108 -39.64 -6.37 14.13
N ARG A 109 -40.00 -6.47 15.41
CA ARG A 109 -40.28 -5.30 16.22
C ARG A 109 -39.17 -4.98 17.22
N LEU A 110 -39.07 -3.71 17.59
CA LEU A 110 -37.98 -3.22 18.44
C LEU A 110 -37.91 -3.90 19.81
N LEU A 111 -36.71 -4.34 20.17
CA LEU A 111 -36.48 -4.97 21.47
C LEU A 111 -35.70 -4.03 22.39
N ARG A 112 -34.72 -3.35 21.80
CA ARG A 112 -33.82 -2.49 22.54
C ARG A 112 -33.15 -1.49 21.59
N GLY A 113 -32.99 -0.25 22.04
CA GLY A 113 -32.27 0.74 21.28
C GLY A 113 -30.96 1.07 21.98
N HIS A 114 -29.96 1.51 21.22
CA HIS A 114 -28.65 1.82 21.79
C HIS A 114 -28.11 3.17 21.32
N ASP A 115 -27.40 3.85 22.21
CA ASP A 115 -26.68 5.07 21.89
C ASP A 115 -25.72 5.34 23.02
N GLN A 116 -24.51 4.79 22.91
CA GLN A 116 -23.52 4.91 23.97
C GLN A 116 -22.20 5.36 23.38
N SER A 117 -21.34 5.91 24.22
CA SER A 117 -20.09 6.48 23.72
C SER A 117 -18.94 6.39 24.70
N ALA A 118 -17.74 6.61 24.18
CA ALA A 118 -16.55 6.64 24.99
C ALA A 118 -15.65 7.81 24.59
N TYR A 119 -14.94 8.34 25.57
CA TYR A 119 -13.93 9.34 25.32
C TYR A 119 -12.60 8.73 25.77
N ASP A 120 -11.61 8.73 24.86
CA ASP A 120 -10.30 8.10 25.10
C ASP A 120 -10.35 6.67 25.65
N GLY A 121 -11.34 5.90 25.19
CA GLY A 121 -11.41 4.49 25.52
C GLY A 121 -12.20 4.15 26.76
N LYS A 122 -12.74 5.18 27.42
CA LYS A 122 -13.53 4.97 28.63
C LYS A 122 -14.94 5.49 28.43
N ASP A 123 -15.91 4.81 29.02
CA ASP A 123 -17.32 5.22 29.00
C ASP A 123 -17.51 6.73 29.18
N TYR A 124 -18.39 7.32 28.38
CA TYR A 124 -18.71 8.73 28.52
C TYR A 124 -20.18 8.89 28.90
N ILE A 125 -21.06 8.74 27.92
CA ILE A 125 -22.50 8.85 28.19
C ILE A 125 -23.26 7.79 27.40
N ALA A 126 -24.35 7.28 27.97
CA ALA A 126 -25.12 6.20 27.34
C ALA A 126 -26.62 6.37 27.53
N LEU A 127 -27.37 6.14 26.45
CA LEU A 127 -28.82 6.14 26.54
C LEU A 127 -29.28 4.85 27.22
N ASN A 128 -30.08 4.99 28.27
CA ASN A 128 -30.54 3.83 29.01
C ASN A 128 -31.63 3.07 28.27
N GLU A 129 -31.91 1.86 28.72
CA GLU A 129 -32.90 0.99 28.09
C GLU A 129 -34.29 1.62 27.97
N ASP A 130 -34.62 2.53 28.87
CA ASP A 130 -35.90 3.22 28.78
C ASP A 130 -35.96 4.20 27.61
N LEU A 131 -34.80 4.45 27.00
CA LEU A 131 -34.72 5.40 25.90
C LEU A 131 -35.23 6.76 26.35
N SER A 132 -34.99 7.10 27.60
CA SER A 132 -35.47 8.37 28.15
C SER A 132 -34.54 8.96 29.18
N SER A 133 -33.63 8.17 29.72
CA SER A 133 -32.65 8.68 30.67
C SER A 133 -31.22 8.33 30.23
N TRP A 134 -30.23 8.93 30.89
CA TRP A 134 -28.85 8.73 30.52
C TRP A 134 -28.02 8.21 31.65
N THR A 135 -26.93 7.54 31.29
CA THR A 135 -25.90 7.19 32.27
C THR A 135 -24.61 7.92 31.93
N ALA A 136 -24.32 8.99 32.69
CA ALA A 136 -23.07 9.73 32.55
C ALA A 136 -21.98 9.07 33.38
N ALA A 137 -20.85 8.76 32.76
CA ALA A 137 -19.81 7.97 33.42
C ALA A 137 -18.87 8.80 34.27
N ASP A 138 -18.76 10.09 33.98
CA ASP A 138 -17.95 10.99 34.81
C ASP A 138 -18.54 12.39 34.90
N THR A 139 -17.80 13.30 35.54
CA THR A 139 -18.27 14.67 35.76
C THR A 139 -18.41 15.46 34.45
N ALA A 140 -17.46 15.27 33.54
CA ALA A 140 -17.52 15.91 32.23
C ALA A 140 -18.76 15.47 31.46
N ALA A 141 -19.06 14.17 31.53
CA ALA A 141 -20.25 13.62 30.88
C ALA A 141 -21.55 14.03 31.57
N GLN A 142 -21.45 14.45 32.83
CA GLN A 142 -22.62 14.96 33.54
C GLN A 142 -23.01 16.34 33.03
N ILE A 143 -22.03 17.07 32.49
CA ILE A 143 -22.31 18.34 31.82
C ILE A 143 -23.14 18.09 30.56
N THR A 144 -22.71 17.11 29.76
CA THR A 144 -23.44 16.70 28.57
C THR A 144 -24.86 16.23 28.90
N GLN A 145 -24.98 15.35 29.88
CA GLN A 145 -26.28 14.82 30.31
C GLN A 145 -27.24 15.95 30.67
N ARG A 146 -26.72 16.92 31.41
CA ARG A 146 -27.46 18.11 31.79
C ARG A 146 -28.02 18.84 30.56
N LYS A 147 -27.19 18.96 29.53
CA LYS A 147 -27.57 19.68 28.31
C LYS A 147 -28.55 18.89 27.46
N TRP A 148 -28.36 17.57 27.43
CA TRP A 148 -29.18 16.72 26.57
C TRP A 148 -30.59 16.55 27.12
N GLU A 149 -30.72 16.64 28.44
CA GLU A 149 -32.04 16.58 29.07
C GLU A 149 -32.89 17.80 28.68
N ALA A 150 -32.26 18.97 28.70
CA ALA A 150 -32.93 20.20 28.29
C ALA A 150 -33.34 20.17 26.82
N ALA A 151 -32.48 19.59 25.98
CA ALA A 151 -32.71 19.59 24.54
C ALA A 151 -33.59 18.43 24.07
N ARG A 152 -34.08 17.64 25.03
CA ARG A 152 -34.98 16.51 24.72
C ARG A 152 -34.35 15.54 23.73
N VAL A 153 -33.04 15.32 23.89
CA VAL A 153 -32.27 14.52 22.96
C VAL A 153 -32.72 13.07 22.93
N ALA A 154 -33.06 12.52 24.10
CA ALA A 154 -33.44 11.12 24.22
C ALA A 154 -34.66 10.78 23.39
N GLU A 155 -35.65 11.66 23.42
CA GLU A 155 -36.87 11.49 22.63
C GLU A 155 -36.58 11.43 21.12
N GLN A 156 -35.63 12.26 20.68
CA GLN A 156 -35.25 12.28 19.28
C GLN A 156 -34.43 11.07 18.87
N LEU A 157 -33.59 10.59 19.78
CA LEU A 157 -32.88 9.34 19.58
C LEU A 157 -33.90 8.21 19.48
N ARG A 158 -34.92 8.31 20.32
CA ARG A 158 -35.97 7.29 20.41
C ARG A 158 -36.83 7.28 19.15
N ALA A 159 -37.02 8.46 18.56
CA ALA A 159 -37.80 8.59 17.33
C ALA A 159 -37.11 7.88 16.17
N TYR A 160 -35.78 7.98 16.14
CA TYR A 160 -34.98 7.29 15.14
C TYR A 160 -35.00 5.79 15.38
N LEU A 161 -34.72 5.40 16.62
CA LEU A 161 -34.58 3.99 16.98
C LEU A 161 -35.86 3.17 16.77
N GLU A 162 -37.01 3.82 16.99
CA GLU A 162 -38.29 3.16 16.72
C GLU A 162 -38.68 3.34 15.27
N GLY A 163 -38.20 4.41 14.66
CA GLY A 163 -38.59 4.77 13.32
C GLY A 163 -37.69 4.21 12.23
N LEU A 164 -36.85 5.07 11.66
CA LEU A 164 -35.99 4.69 10.54
C LEU A 164 -35.13 3.47 10.81
N CYS A 165 -34.65 3.34 12.05
CA CYS A 165 -33.71 2.29 12.40
C CYS A 165 -34.31 0.90 12.18
N VAL A 166 -35.45 0.64 12.78
CA VAL A 166 -36.12 -0.66 12.66
C VAL A 166 -36.63 -0.87 11.23
N GLU A 167 -37.13 0.20 10.62
CA GLU A 167 -37.67 0.14 9.27
C GLU A 167 -36.61 -0.18 8.22
N TRP A 168 -35.45 0.47 8.31
CA TRP A 168 -34.35 0.17 7.41
C TRP A 168 -33.74 -1.19 7.71
N LEU A 169 -33.64 -1.54 8.99
CA LEU A 169 -33.13 -2.86 9.35
C LEU A 169 -34.00 -3.95 8.73
N ARG A 170 -35.32 -3.82 8.86
CA ARG A 170 -36.25 -4.76 8.26
C ARG A 170 -36.07 -4.86 6.75
N ARG A 171 -35.79 -3.73 6.12
CA ARG A 171 -35.55 -3.69 4.69
C ARG A 171 -34.27 -4.43 4.32
N TYR A 172 -33.20 -4.11 5.03
CA TYR A 172 -31.89 -4.75 4.80
C TYR A 172 -31.98 -6.27 4.93
N LEU A 173 -32.69 -6.73 5.95
CA LEU A 173 -32.86 -8.16 6.20
C LEU A 173 -33.59 -8.84 5.05
N GLU A 174 -34.52 -8.13 4.42
CA GLU A 174 -35.27 -8.67 3.30
C GLU A 174 -34.45 -8.68 2.01
N ASN A 175 -33.81 -7.57 1.69
CA ASN A 175 -32.97 -7.48 0.49
C ASN A 175 -31.84 -8.50 0.47
N GLY A 176 -31.24 -8.74 1.64
CA GLY A 176 -30.15 -9.68 1.74
C GLY A 176 -30.54 -10.92 2.51
N LYS A 177 -31.78 -11.36 2.32
CA LYS A 177 -32.33 -12.52 3.03
C LYS A 177 -31.56 -13.80 2.77
N GLU A 178 -30.92 -13.88 1.60
CA GLU A 178 -30.21 -15.09 1.17
C GLU A 178 -28.88 -15.28 1.89
N THR A 179 -28.29 -14.19 2.36
CA THR A 179 -27.04 -14.25 3.13
C THR A 179 -27.26 -13.95 4.61
N LEU A 180 -27.99 -12.87 4.88
CA LEU A 180 -28.24 -12.43 6.26
C LEU A 180 -29.09 -13.39 7.09
N GLN A 181 -29.95 -14.16 6.42
CA GLN A 181 -30.83 -15.09 7.12
C GLN A 181 -30.58 -16.55 6.77
N ARG A 182 -29.36 -16.83 6.30
CA ARG A 182 -28.98 -18.20 5.95
C ARG A 182 -28.19 -18.90 7.06
N ALA A 183 -28.44 -20.19 7.24
CA ALA A 183 -27.68 -21.00 8.17
C ALA A 183 -26.32 -21.35 7.57
N ASP A 184 -25.25 -20.85 8.18
CA ASP A 184 -23.88 -21.16 7.74
C ASP A 184 -23.11 -21.85 8.87
N PRO A 185 -23.32 -23.15 9.04
CA PRO A 185 -22.67 -23.88 10.14
C PRO A 185 -21.17 -23.98 9.90
N PRO A 186 -20.40 -24.14 10.98
CA PRO A 186 -18.94 -24.27 10.85
C PRO A 186 -18.55 -25.59 10.19
N LYS A 187 -17.53 -25.55 9.34
CA LYS A 187 -16.95 -26.77 8.78
C LYS A 187 -15.88 -27.26 9.74
N THR A 188 -16.22 -28.28 10.52
CA THR A 188 -15.41 -28.68 11.66
C THR A 188 -14.46 -29.84 11.39
N HIS A 189 -13.33 -29.83 12.10
CA HIS A 189 -12.42 -30.96 12.12
C HIS A 189 -11.55 -30.92 13.37
N VAL A 190 -10.90 -32.04 13.68
CA VAL A 190 -10.00 -32.12 14.85
C VAL A 190 -8.61 -32.58 14.43
N THR A 191 -7.59 -31.80 14.82
CA THR A 191 -6.21 -32.13 14.48
C THR A 191 -5.46 -32.65 15.70
N HIS A 192 -4.25 -33.13 15.49
CA HIS A 192 -3.48 -33.78 16.54
C HIS A 192 -1.98 -33.61 16.31
N HIS A 193 -1.27 -33.07 17.29
CA HIS A 193 0.18 -32.90 17.21
C HIS A 193 0.82 -33.15 18.59
N PRO A 194 1.52 -34.29 18.73
CA PRO A 194 2.20 -34.65 19.97
C PRO A 194 3.34 -33.70 20.35
N ILE A 195 3.19 -33.00 21.46
CA ILE A 195 4.21 -32.05 21.91
C ILE A 195 5.39 -32.75 22.57
N SER A 196 5.15 -33.95 23.10
CA SER A 196 6.19 -34.75 23.75
C SER A 196 5.81 -36.22 23.82
N ASP A 197 6.62 -37.00 24.54
CA ASP A 197 6.32 -38.41 24.76
C ASP A 197 5.18 -38.56 25.75
N HIS A 198 5.15 -37.66 26.72
CA HIS A 198 4.12 -37.66 27.76
C HIS A 198 2.74 -37.24 27.24
N GLU A 199 2.72 -36.19 26.43
CA GLU A 199 1.46 -35.55 26.06
C GLU A 199 1.29 -35.31 24.57
N ALA A 200 0.14 -34.75 24.21
CA ALA A 200 -0.18 -34.42 22.83
C ALA A 200 -1.25 -33.33 22.79
N THR A 201 -1.31 -32.59 21.68
CA THR A 201 -2.24 -31.48 21.57
C THR A 201 -3.44 -31.79 20.68
N LEU A 202 -4.63 -31.71 21.28
CA LEU A 202 -5.88 -31.83 20.54
C LEU A 202 -6.42 -30.44 20.23
N ARG A 203 -6.79 -30.22 18.97
CA ARG A 203 -7.35 -28.93 18.57
C ARG A 203 -8.60 -29.12 17.74
N CYS A 204 -9.68 -28.47 18.16
CA CYS A 204 -10.95 -28.55 17.44
C CYS A 204 -11.20 -27.28 16.63
N TRP A 205 -11.29 -27.43 15.31
CA TRP A 205 -11.48 -26.28 14.44
C TRP A 205 -12.93 -26.08 14.04
N ALA A 206 -13.33 -24.82 13.90
CA ALA A 206 -14.62 -24.46 13.35
C ALA A 206 -14.43 -23.33 12.35
N LEU A 207 -14.64 -23.64 11.07
CA LEU A 207 -14.32 -22.68 10.02
C LEU A 207 -15.53 -22.34 9.15
N GLY A 208 -15.49 -21.16 8.54
CA GLY A 208 -16.49 -20.76 7.57
C GLY A 208 -17.88 -20.55 8.10
N PHE A 209 -18.01 -20.23 9.39
CA PHE A 209 -19.33 -20.05 9.99
C PHE A 209 -19.81 -18.60 10.08
N TYR A 210 -21.13 -18.44 10.08
CA TYR A 210 -21.79 -17.15 10.28
C TYR A 210 -23.12 -17.42 10.99
N PRO A 211 -23.44 -16.63 12.02
CA PRO A 211 -22.71 -15.49 12.57
C PRO A 211 -21.54 -15.92 13.45
N ALA A 212 -20.86 -14.96 14.07
CA ALA A 212 -19.63 -15.23 14.82
C ALA A 212 -19.85 -15.99 16.11
N GLU A 213 -21.07 -15.92 16.65
CA GLU A 213 -21.36 -16.58 17.93
C GLU A 213 -21.22 -18.11 17.85
N ILE A 214 -20.38 -18.67 18.71
CA ILE A 214 -20.11 -20.11 18.71
C ILE A 214 -19.60 -20.59 20.07
N THR A 215 -19.78 -21.87 20.34
CA THR A 215 -19.23 -22.49 21.53
C THR A 215 -18.38 -23.71 21.15
N LEU A 216 -17.11 -23.69 21.55
CA LEU A 216 -16.22 -24.83 21.37
C LEU A 216 -15.70 -25.29 22.73
N THR A 217 -16.20 -26.41 23.21
CA THR A 217 -15.77 -26.95 24.50
C THR A 217 -15.25 -28.37 24.39
N TRP A 218 -14.13 -28.64 25.05
CA TRP A 218 -13.64 -30.00 25.18
C TRP A 218 -14.24 -30.65 26.41
N GLN A 219 -14.51 -31.95 26.31
CA GLN A 219 -14.97 -32.72 27.46
C GLN A 219 -14.08 -33.94 27.64
N ARG A 220 -13.93 -34.38 28.89
CA ARG A 220 -13.29 -35.65 29.17
C ARG A 220 -14.29 -36.52 29.90
N ASP A 221 -14.65 -37.64 29.30
CA ASP A 221 -15.68 -38.54 29.82
C ASP A 221 -17.02 -37.82 29.99
N GLY A 222 -17.21 -36.73 29.26
CA GLY A 222 -18.47 -36.02 29.28
C GLY A 222 -18.49 -34.75 30.11
N GLU A 223 -17.34 -34.39 30.69
CA GLU A 223 -17.26 -33.18 31.49
C GLU A 223 -16.21 -32.19 30.95
N ASP A 224 -16.59 -30.92 30.90
CA ASP A 224 -15.75 -29.87 30.31
C ASP A 224 -14.41 -29.70 31.02
N GLN A 225 -13.35 -29.59 30.22
CA GLN A 225 -12.03 -29.25 30.74
C GLN A 225 -11.84 -27.74 30.63
N THR A 226 -12.72 -27.00 31.30
CA THR A 226 -12.80 -25.55 31.17
C THR A 226 -11.48 -24.84 31.46
N GLN A 227 -10.80 -25.26 32.52
CA GLN A 227 -9.57 -24.60 32.93
C GLN A 227 -8.37 -25.06 32.10
N ASP A 228 -8.48 -26.26 31.51
CA ASP A 228 -7.37 -26.81 30.74
C ASP A 228 -7.39 -26.41 29.27
N THR A 229 -8.59 -26.09 28.76
CA THR A 229 -8.76 -25.80 27.34
C THR A 229 -8.34 -24.38 26.94
N GLU A 230 -7.44 -24.29 25.98
CA GLU A 230 -6.99 -23.01 25.44
C GLU A 230 -7.92 -22.53 24.33
N LEU A 231 -8.57 -21.39 24.55
CA LEU A 231 -9.50 -20.82 23.58
C LEU A 231 -8.88 -19.62 22.87
N VAL A 232 -8.95 -19.60 21.54
CA VAL A 232 -8.57 -18.39 20.79
C VAL A 232 -9.79 -17.54 20.49
N GLU A 233 -9.56 -16.24 20.32
CA GLU A 233 -10.64 -15.32 20.03
C GLU A 233 -11.18 -15.59 18.64
N THR A 234 -12.51 -15.56 18.51
CA THR A 234 -13.17 -15.71 17.22
C THR A 234 -12.67 -14.64 16.26
N ARG A 235 -12.27 -15.06 15.06
CA ARG A 235 -11.57 -14.18 14.14
C ARG A 235 -12.22 -14.21 12.76
N PRO A 236 -12.21 -13.08 12.05
CA PRO A 236 -12.77 -13.02 10.69
C PRO A 236 -11.91 -13.77 9.68
N ALA A 237 -12.56 -14.47 8.75
CA ALA A 237 -11.84 -15.20 7.71
C ALA A 237 -11.39 -14.25 6.60
N GLY A 238 -12.10 -13.14 6.45
CA GLY A 238 -11.81 -12.18 5.41
C GLY A 238 -12.85 -12.24 4.32
N ASP A 239 -13.75 -13.21 4.43
CA ASP A 239 -14.80 -13.42 3.44
C ASP A 239 -16.20 -13.35 4.06
N ARG A 240 -16.31 -12.62 5.17
CA ARG A 240 -17.54 -12.45 5.95
C ARG A 240 -17.85 -13.62 6.90
N THR A 241 -17.03 -14.67 6.85
CA THR A 241 -17.17 -15.77 7.79
C THR A 241 -16.15 -15.68 8.91
N PHE A 242 -16.30 -16.56 9.91
CA PHE A 242 -15.46 -16.49 11.10
C PHE A 242 -14.80 -17.83 11.38
N GLN A 243 -13.73 -17.80 12.17
CA GLN A 243 -13.02 -19.01 12.55
C GLN A 243 -12.85 -19.04 14.06
N LYS A 244 -12.62 -20.24 14.59
CA LYS A 244 -12.28 -20.39 16.00
C LYS A 244 -11.67 -21.78 16.22
N TRP A 245 -10.81 -21.90 17.22
CA TRP A 245 -10.38 -23.22 17.66
C TRP A 245 -10.17 -23.34 19.17
N ALA A 246 -10.59 -24.48 19.71
CA ALA A 246 -10.34 -24.82 21.10
C ALA A 246 -9.27 -25.90 21.14
N ALA A 247 -8.30 -25.75 22.03
CA ALA A 247 -7.23 -26.73 22.16
C ALA A 247 -7.07 -27.23 23.58
N VAL A 248 -6.79 -28.51 23.72
CA VAL A 248 -6.49 -29.10 25.02
C VAL A 248 -5.32 -30.07 24.87
N VAL A 249 -4.43 -30.08 25.86
CA VAL A 249 -3.30 -31.01 25.86
C VAL A 249 -3.60 -32.22 26.72
N VAL A 250 -3.51 -33.41 26.13
CA VAL A 250 -3.96 -34.63 26.78
C VAL A 250 -2.87 -35.70 26.82
N PRO A 251 -2.92 -36.58 27.84
CA PRO A 251 -1.99 -37.71 27.92
C PRO A 251 -2.14 -38.65 26.73
N SER A 252 -1.07 -38.84 25.96
CA SER A 252 -1.10 -39.67 24.76
C SER A 252 -1.59 -41.09 25.06
N GLY A 253 -2.69 -41.48 24.41
CA GLY A 253 -3.33 -42.76 24.65
C GLY A 253 -4.73 -42.58 25.18
N GLU A 254 -4.98 -41.43 25.80
CA GLU A 254 -6.28 -41.14 26.39
C GLU A 254 -7.10 -40.17 25.56
N GLU A 255 -6.68 -39.96 24.32
CA GLU A 255 -7.37 -39.03 23.40
C GLU A 255 -8.86 -39.29 23.31
N GLN A 256 -9.24 -40.57 23.23
CA GLN A 256 -10.63 -40.95 23.00
C GLN A 256 -11.56 -40.60 24.16
N ARG A 257 -10.99 -40.30 25.31
CA ARG A 257 -11.77 -39.79 26.44
C ARG A 257 -12.26 -38.38 26.15
N TYR A 258 -11.62 -37.74 25.17
CA TYR A 258 -11.87 -36.32 24.88
C TYR A 258 -12.72 -36.09 23.62
N THR A 259 -13.83 -35.38 23.81
CA THR A 259 -14.73 -35.02 22.72
C THR A 259 -14.86 -33.51 22.59
N CYS A 260 -14.97 -33.02 21.36
CA CYS A 260 -15.12 -31.60 21.10
C CYS A 260 -16.56 -31.27 20.76
N HIS A 261 -17.17 -30.40 21.57
CA HIS A 261 -18.58 -30.08 21.40
C HIS A 261 -18.80 -28.70 20.77
N VAL A 262 -19.52 -28.69 19.65
CA VAL A 262 -19.69 -27.49 18.85
C VAL A 262 -21.15 -27.07 18.77
N GLN A 263 -21.43 -25.82 19.13
CA GLN A 263 -22.77 -25.29 19.06
C GLN A 263 -22.83 -24.08 18.13
N HIS A 264 -23.73 -24.12 17.16
CA HIS A 264 -23.95 -23.00 16.26
C HIS A 264 -25.38 -23.02 15.75
N GLU A 265 -25.90 -21.84 15.39
CA GLU A 265 -27.29 -21.74 14.97
C GLU A 265 -27.50 -22.19 13.53
N GLY A 266 -26.40 -22.38 12.81
CA GLY A 266 -26.44 -22.90 11.45
C GLY A 266 -26.46 -24.41 11.44
N LEU A 267 -26.33 -25.00 12.62
CA LEU A 267 -26.34 -26.45 12.77
C LEU A 267 -27.72 -26.93 13.22
N PRO A 268 -28.14 -28.11 12.72
CA PRO A 268 -29.39 -28.74 13.15
C PRO A 268 -29.38 -29.01 14.66
N LYS A 269 -28.39 -29.77 15.12
CA LYS A 269 -28.19 -29.97 16.55
C LYS A 269 -26.68 -30.08 16.85
N PRO A 270 -26.27 -29.73 18.09
CA PRO A 270 -24.86 -29.66 18.50
C PRO A 270 -24.00 -30.83 18.06
N LEU A 271 -22.86 -30.53 17.45
CA LEU A 271 -21.93 -31.58 17.01
C LEU A 271 -21.10 -32.10 18.17
N THR A 272 -20.75 -33.39 18.09
CA THR A 272 -19.80 -34.00 19.03
C THR A 272 -18.70 -34.67 18.22
N LEU A 273 -17.47 -34.20 18.38
CA LEU A 273 -16.37 -34.63 17.52
C LEU A 273 -15.30 -35.41 18.27
N ARG A 274 -14.58 -36.25 17.53
CA ARG A 274 -13.44 -36.98 18.07
C ARG A 274 -12.32 -36.97 17.04
N TRP A 275 -11.10 -37.12 17.49
CA TRP A 275 -9.99 -37.20 16.60
C TRP A 275 -10.04 -38.52 15.89
N GLU A 276 -9.66 -38.53 14.61
CA GLU A 276 -9.58 -39.76 13.83
C GLU A 276 -8.36 -39.72 12.93
N PRO A 277 -7.75 -40.89 12.71
CA PRO A 277 -6.51 -40.95 11.92
C PRO A 277 -6.72 -41.47 10.51
N HIS B 1 -29.74 2.61 7.53
CA HIS B 1 -29.56 4.03 7.27
C HIS B 1 -29.23 4.79 8.54
N SER B 2 -28.22 5.66 8.46
CA SER B 2 -27.76 6.44 9.61
C SER B 2 -28.79 7.48 10.02
N ILE B 3 -28.67 7.96 11.24
CA ILE B 3 -29.53 9.01 11.76
C ILE B 3 -28.99 10.37 11.33
N THR B 4 -29.90 11.31 11.12
CA THR B 4 -29.51 12.68 10.90
C THR B 4 -29.77 13.47 12.19
N TYR B 5 -28.69 13.83 12.86
CA TYR B 5 -28.74 14.51 14.13
C TYR B 5 -27.42 15.14 14.46
N LEU B 6 -27.28 16.43 14.15
CA LEU B 6 -26.06 17.14 14.46
C LEU B 6 -26.02 17.58 15.92
N LEU B 7 -25.57 16.69 16.79
CA LEU B 7 -25.74 16.85 18.22
C LEU B 7 -24.49 17.28 18.99
N PRO B 8 -24.55 18.45 19.60
CA PRO B 8 -23.45 18.96 20.43
C PRO B 8 -23.42 18.27 21.79
N VAL B 9 -22.24 18.10 22.38
CA VAL B 9 -22.12 17.47 23.69
C VAL B 9 -21.95 18.51 24.79
N ILE C 1 -7.30 5.55 28.43
CA ILE C 1 -6.67 4.25 28.66
C ILE C 1 -6.06 3.70 27.36
N GLN C 2 -4.91 3.04 27.47
CA GLN C 2 -4.25 2.45 26.32
C GLN C 2 -4.16 0.96 26.47
N ARG C 3 -4.47 0.23 25.41
CA ARG C 3 -4.40 -1.22 25.43
C ARG C 3 -3.53 -1.77 24.29
N THR C 4 -2.81 -2.85 24.60
CA THR C 4 -1.89 -3.47 23.67
C THR C 4 -2.60 -4.49 22.76
N PRO C 5 -2.32 -4.47 21.47
CA PRO C 5 -2.98 -5.33 20.49
C PRO C 5 -2.66 -6.83 20.66
N LYS C 6 -3.71 -7.65 20.61
CA LYS C 6 -3.54 -9.09 20.49
C LYS C 6 -3.36 -9.36 19.01
N ILE C 7 -2.59 -10.39 18.67
CA ILE C 7 -2.25 -10.66 17.28
C ILE C 7 -2.49 -12.12 16.90
N GLN C 8 -3.20 -12.34 15.79
CA GLN C 8 -3.40 -13.67 15.23
C GLN C 8 -3.04 -13.68 13.74
N VAL C 9 -2.03 -14.47 13.38
CA VAL C 9 -1.67 -14.69 11.99
C VAL C 9 -2.20 -16.04 11.52
N TYR C 10 -2.91 -16.04 10.40
CA TYR C 10 -3.58 -17.25 9.91
C TYR C 10 -3.99 -17.08 8.46
N SER C 11 -4.58 -18.12 7.88
CA SER C 11 -5.00 -18.08 6.48
C SER C 11 -6.52 -18.16 6.35
N ARG C 12 -7.05 -17.54 5.30
CA ARG C 12 -8.48 -17.54 5.03
C ARG C 12 -9.02 -18.96 4.84
N HIS C 13 -8.27 -19.77 4.09
CA HIS C 13 -8.62 -21.18 3.88
C HIS C 13 -7.53 -22.07 4.45
N PRO C 14 -7.85 -23.34 4.76
CA PRO C 14 -6.80 -24.27 5.17
C PRO C 14 -5.71 -24.36 4.11
N ALA C 15 -4.45 -24.23 4.53
CA ALA C 15 -3.34 -24.08 3.61
C ALA C 15 -3.05 -25.34 2.81
N GLU C 16 -2.92 -25.15 1.49
CA GLU C 16 -2.40 -26.18 0.60
C GLU C 16 -1.21 -25.60 -0.14
N ASN C 17 -0.10 -26.30 -0.14
CA ASN C 17 1.05 -25.86 -0.90
C ASN C 17 0.73 -25.81 -2.39
N GLY C 18 0.97 -24.66 -3.01
CA GLY C 18 0.71 -24.48 -4.42
C GLY C 18 -0.69 -23.97 -4.72
N LYS C 19 -1.53 -23.88 -3.70
CA LYS C 19 -2.90 -23.41 -3.88
C LYS C 19 -3.08 -21.99 -3.33
N SER C 20 -3.59 -21.11 -4.18
CA SER C 20 -3.78 -19.70 -3.84
C SER C 20 -4.67 -19.54 -2.61
N ASN C 21 -4.43 -18.48 -1.86
CA ASN C 21 -5.02 -18.34 -0.53
C ASN C 21 -4.87 -16.88 -0.07
N PHE C 22 -5.26 -16.62 1.17
CA PHE C 22 -5.12 -15.31 1.77
C PHE C 22 -4.41 -15.38 3.12
N LEU C 23 -3.39 -14.54 3.30
CA LEU C 23 -2.69 -14.44 4.58
C LEU C 23 -3.35 -13.35 5.39
N ASN C 24 -3.70 -13.66 6.63
CA ASN C 24 -4.41 -12.72 7.49
C ASN C 24 -3.63 -12.38 8.74
N CYS C 25 -3.67 -11.10 9.13
CA CYS C 25 -3.23 -10.70 10.46
C CYS C 25 -4.31 -9.89 11.15
N TYR C 26 -4.99 -10.53 12.09
CA TYR C 26 -6.07 -9.90 12.83
C TYR C 26 -5.52 -9.27 14.11
N VAL C 27 -5.49 -7.93 14.14
CA VAL C 27 -5.12 -7.22 15.36
C VAL C 27 -6.38 -6.71 16.05
N SER C 28 -6.45 -6.89 17.37
CA SER C 28 -7.64 -6.53 18.13
C SER C 28 -7.31 -6.06 19.54
N GLY C 29 -8.33 -5.55 20.23
CA GLY C 29 -8.20 -5.17 21.63
C GLY C 29 -7.27 -4.01 21.93
N PHE C 30 -6.96 -3.18 20.95
CA PHE C 30 -5.99 -2.09 21.14
C PHE C 30 -6.62 -0.70 21.25
N HIS C 31 -5.90 0.21 21.89
CA HIS C 31 -6.31 1.61 22.02
C HIS C 31 -5.06 2.43 22.31
N PRO C 32 -4.90 3.59 21.62
CA PRO C 32 -5.77 4.21 20.62
C PRO C 32 -5.71 3.50 19.27
N SER C 33 -6.32 4.10 18.25
CA SER C 33 -6.54 3.42 16.96
C SER C 33 -5.33 3.39 16.02
N ASP C 34 -4.36 4.28 16.24
CA ASP C 34 -3.16 4.29 15.42
C ASP C 34 -2.37 3.02 15.62
N ILE C 35 -2.04 2.35 14.52
CA ILE C 35 -1.33 1.08 14.58
C ILE C 35 -0.66 0.82 13.23
N GLU C 36 0.43 0.08 13.25
CA GLU C 36 1.12 -0.28 12.02
C GLU C 36 1.26 -1.78 11.91
N VAL C 37 0.80 -2.32 10.78
CA VAL C 37 0.80 -3.75 10.56
C VAL C 37 1.43 -4.08 9.21
N ASP C 38 2.48 -4.90 9.24
CA ASP C 38 3.14 -5.39 8.04
C ASP C 38 3.05 -6.91 7.98
N LEU C 39 2.77 -7.42 6.79
CA LEU C 39 2.90 -8.85 6.55
C LEU C 39 4.29 -9.08 5.96
N LEU C 40 4.95 -10.14 6.40
CA LEU C 40 6.31 -10.41 5.96
C LEU C 40 6.40 -11.73 5.22
N LYS C 41 7.19 -11.74 4.15
CA LYS C 41 7.52 -12.99 3.46
C LYS C 41 9.02 -13.26 3.60
N ASN C 42 9.34 -14.28 4.40
CA ASN C 42 10.73 -14.61 4.70
C ASN C 42 11.53 -13.40 5.20
N GLY C 43 10.87 -12.52 5.94
CA GLY C 43 11.52 -11.39 6.58
C GLY C 43 11.34 -10.07 5.85
N GLU C 44 10.71 -10.12 4.69
CA GLU C 44 10.58 -8.94 3.83
C GLU C 44 9.14 -8.43 3.74
N ARG C 45 8.99 -7.12 3.83
CA ARG C 45 7.67 -6.50 3.80
C ARG C 45 6.93 -6.73 2.49
N ILE C 46 5.72 -7.28 2.58
CA ILE C 46 4.86 -7.46 1.43
C ILE C 46 4.19 -6.13 1.08
N GLU C 47 4.40 -5.66 -0.15
CA GLU C 47 3.98 -4.33 -0.56
C GLU C 47 2.48 -4.09 -0.47
N LYS C 48 1.72 -4.77 -1.33
CA LYS C 48 0.28 -4.57 -1.36
C LYS C 48 -0.46 -5.45 -0.36
N VAL C 49 -0.76 -4.86 0.79
CA VAL C 49 -1.57 -5.48 1.82
C VAL C 49 -2.77 -4.58 2.03
N GLU C 50 -3.93 -5.18 2.23
CA GLU C 50 -5.14 -4.40 2.49
C GLU C 50 -5.62 -4.62 3.91
N HIS C 51 -6.57 -3.79 4.34
CA HIS C 51 -7.17 -3.96 5.65
C HIS C 51 -8.64 -3.64 5.64
N SER C 52 -9.33 -4.13 6.66
CA SER C 52 -10.75 -3.84 6.84
C SER C 52 -10.89 -2.42 7.38
N ASP C 53 -12.13 -1.94 7.45
CA ASP C 53 -12.40 -0.61 7.98
C ASP C 53 -12.32 -0.63 9.50
N LEU C 54 -11.86 0.48 10.08
CA LEU C 54 -11.70 0.57 11.53
C LEU C 54 -13.01 0.44 12.28
N SER C 55 -13.06 -0.49 13.22
CA SER C 55 -14.22 -0.64 14.07
C SER C 55 -13.76 -1.04 15.47
N PHE C 56 -14.70 -1.08 16.41
CA PHE C 56 -14.35 -1.38 17.79
C PHE C 56 -15.30 -2.34 18.46
N SER C 57 -14.84 -2.96 19.54
CA SER C 57 -15.65 -3.92 20.28
C SER C 57 -16.46 -3.21 21.35
N LYS C 58 -17.19 -3.99 22.16
CA LYS C 58 -18.03 -3.43 23.21
C LYS C 58 -17.23 -2.69 24.28
N ASP C 59 -15.98 -3.11 24.48
CA ASP C 59 -15.11 -2.49 25.47
C ASP C 59 -14.33 -1.30 24.89
N TRP C 60 -14.75 -0.86 23.70
CA TRP C 60 -14.18 0.30 22.99
C TRP C 60 -12.83 0.05 22.33
N SER C 61 -12.29 -1.15 22.49
CA SER C 61 -11.00 -1.46 21.87
C SER C 61 -11.18 -1.72 20.37
N PHE C 62 -10.14 -1.41 19.59
CA PHE C 62 -10.23 -1.49 18.13
C PHE C 62 -9.78 -2.84 17.56
N TYR C 63 -10.25 -3.14 16.35
CA TYR C 63 -9.80 -4.32 15.62
C TYR C 63 -9.78 -4.08 14.12
N LEU C 64 -8.77 -4.66 13.47
CA LEU C 64 -8.57 -4.55 12.04
C LEU C 64 -8.09 -5.88 11.50
N LEU C 65 -8.50 -6.21 10.28
CA LEU C 65 -7.95 -7.37 9.61
C LEU C 65 -7.07 -6.93 8.45
N TYR C 66 -5.78 -7.28 8.51
CA TYR C 66 -4.87 -7.05 7.41
C TYR C 66 -4.72 -8.34 6.61
N TYR C 67 -4.78 -8.23 5.29
CA TYR C 67 -4.77 -9.42 4.44
C TYR C 67 -4.06 -9.20 3.11
N THR C 68 -3.65 -10.31 2.50
CA THR C 68 -3.00 -10.29 1.19
C THR C 68 -3.13 -11.66 0.55
N GLU C 69 -3.14 -11.68 -0.78
CA GLU C 69 -3.15 -12.94 -1.51
C GLU C 69 -1.80 -13.61 -1.37
N PHE C 70 -1.79 -14.93 -1.19
CA PHE C 70 -0.55 -15.68 -1.18
C PHE C 70 -0.75 -17.13 -1.57
N THR C 71 0.27 -17.72 -2.16
CA THR C 71 0.29 -19.16 -2.40
C THR C 71 1.31 -19.78 -1.48
N PRO C 72 0.85 -20.47 -0.44
CA PRO C 72 1.79 -21.04 0.53
C PRO C 72 2.64 -22.12 -0.12
N THR C 73 3.89 -22.24 0.32
CA THR C 73 4.76 -23.32 -0.12
C THR C 73 5.38 -23.97 1.09
N GLU C 74 6.13 -25.05 0.85
CA GLU C 74 6.86 -25.71 1.92
C GLU C 74 7.93 -24.77 2.46
N LYS C 75 8.67 -24.16 1.54
CA LYS C 75 9.81 -23.32 1.87
C LYS C 75 9.42 -21.99 2.52
N ASP C 76 8.44 -21.31 1.94
CA ASP C 76 8.11 -19.94 2.34
C ASP C 76 7.56 -19.81 3.75
N GLU C 77 8.14 -18.87 4.50
CA GLU C 77 7.72 -18.58 5.87
C GLU C 77 7.18 -17.16 5.97
N TYR C 78 6.08 -17.00 6.69
CA TYR C 78 5.40 -15.71 6.79
C TYR C 78 5.23 -15.28 8.24
N ALA C 79 5.08 -13.97 8.43
CA ALA C 79 4.87 -13.42 9.76
C ALA C 79 4.08 -12.12 9.70
N CYS C 80 3.57 -11.70 10.85
CA CYS C 80 2.95 -10.38 10.96
C CYS C 80 3.74 -9.55 11.96
N ARG C 81 4.11 -8.34 11.56
CA ARG C 81 4.85 -7.43 12.42
C ARG C 81 3.98 -6.23 12.77
N VAL C 82 3.68 -6.07 14.06
CA VAL C 82 2.82 -4.99 14.51
C VAL C 82 3.56 -4.03 15.43
N ASN C 83 3.40 -2.73 15.18
CA ASN C 83 3.87 -1.72 16.11
C ASN C 83 2.72 -0.82 16.56
N HIS C 84 2.71 -0.50 17.85
CA HIS C 84 1.66 0.30 18.46
C HIS C 84 2.35 1.17 19.51
N VAL C 85 1.68 2.20 20.00
CA VAL C 85 2.27 3.07 21.02
C VAL C 85 2.57 2.29 22.31
N THR C 86 1.81 1.24 22.56
CA THR C 86 1.97 0.43 23.76
C THR C 86 3.09 -0.62 23.64
N LEU C 87 3.79 -0.60 22.52
CA LEU C 87 4.87 -1.56 22.28
C LEU C 87 6.21 -0.85 22.09
N SER C 88 7.20 -1.23 22.89
CA SER C 88 8.53 -0.64 22.83
C SER C 88 9.22 -0.98 21.52
N GLN C 89 9.07 -2.23 21.09
CA GLN C 89 9.59 -2.69 19.81
C GLN C 89 8.50 -3.45 19.08
N PRO C 90 8.49 -3.37 17.74
CA PRO C 90 7.49 -4.09 16.94
C PRO C 90 7.46 -5.58 17.26
N LYS C 91 6.28 -6.11 17.55
CA LYS C 91 6.11 -7.52 17.83
C LYS C 91 5.94 -8.30 16.53
N ILE C 92 6.62 -9.44 16.42
CA ILE C 92 6.53 -10.27 15.24
C ILE C 92 5.96 -11.65 15.57
N VAL C 93 4.83 -11.98 14.95
CA VAL C 93 4.20 -13.28 15.14
C VAL C 93 4.30 -14.07 13.84
N LYS C 94 4.84 -15.29 13.93
CA LYS C 94 5.04 -16.11 12.75
C LYS C 94 3.79 -16.90 12.40
N TRP C 95 3.58 -17.13 11.11
CA TRP C 95 2.45 -17.94 10.68
C TRP C 95 2.70 -19.41 10.95
N ASP C 96 1.77 -20.03 11.67
CA ASP C 96 1.75 -21.46 11.86
C ASP C 96 0.47 -21.95 11.18
N ARG C 97 0.62 -22.75 10.12
CA ARG C 97 -0.53 -23.20 9.34
C ARG C 97 -1.48 -24.13 10.11
N ASP C 98 -1.16 -24.36 11.39
CA ASP C 98 -2.00 -25.17 12.27
C ASP C 98 -2.54 -24.35 13.43
N MET C 99 -2.55 -23.03 13.28
CA MET C 99 -3.00 -22.13 14.33
C MET C 99 -3.71 -20.88 13.80
N HIS D 1 12.77 -8.53 -26.95
CA HIS D 1 12.93 -9.81 -26.27
C HIS D 1 14.28 -9.89 -25.60
N SER D 2 14.29 -10.43 -24.38
CA SER D 2 15.51 -10.57 -23.60
C SER D 2 16.42 -11.63 -24.20
N ILE D 3 17.71 -11.53 -23.90
CA ILE D 3 18.65 -12.55 -24.33
C ILE D 3 18.58 -13.77 -23.41
N THR D 4 18.57 -14.96 -24.00
CA THR D 4 18.67 -16.16 -23.20
C THR D 4 20.14 -16.58 -23.16
N TYR D 5 20.78 -16.34 -22.02
CA TYR D 5 22.19 -16.63 -21.84
C TYR D 5 22.49 -16.66 -20.35
N LEU D 6 22.54 -17.85 -19.78
CA LEU D 6 22.80 -18.00 -18.35
C LEU D 6 24.30 -17.97 -18.08
N LEU D 7 24.81 -16.78 -17.81
CA LEU D 7 26.24 -16.53 -17.77
C LEU D 7 26.76 -16.34 -16.35
N PRO D 8 27.69 -17.20 -15.91
CA PRO D 8 28.38 -17.04 -14.62
C PRO D 8 29.49 -16.00 -14.66
N VAL D 9 29.75 -15.36 -13.53
CA VAL D 9 30.85 -14.39 -13.43
C VAL D 9 32.10 -15.07 -12.89
N SER E 3 19.25 6.19 -34.15
CA SER E 3 18.18 7.03 -33.65
C SER E 3 17.17 6.25 -32.80
N HIS E 4 17.44 4.97 -32.58
CA HIS E 4 16.59 4.15 -31.69
C HIS E 4 17.43 3.16 -30.88
N SER E 5 16.84 2.64 -29.82
CA SER E 5 17.56 1.74 -28.93
C SER E 5 16.63 0.84 -28.13
N MET E 6 17.09 -0.39 -27.90
CA MET E 6 16.43 -1.29 -26.95
C MET E 6 17.40 -1.55 -25.78
N ARG E 7 16.89 -1.47 -24.56
CA ARG E 7 17.73 -1.64 -23.38
C ARG E 7 17.05 -2.45 -22.30
N TYR E 8 17.76 -3.44 -21.75
CA TYR E 8 17.29 -4.17 -20.58
C TYR E 8 18.16 -3.80 -19.38
N PHE E 9 17.51 -3.59 -18.24
CA PHE E 9 18.20 -3.25 -16.99
C PHE E 9 17.88 -4.29 -15.95
N TYR E 10 18.89 -5.06 -15.53
CA TYR E 10 18.71 -6.11 -14.53
C TYR E 10 19.29 -5.64 -13.20
N THR E 11 18.58 -5.89 -12.11
CA THR E 11 19.06 -5.54 -10.78
C THR E 11 18.90 -6.72 -9.81
N ALA E 12 20.02 -7.21 -9.29
CA ALA E 12 20.00 -8.28 -8.30
C ALA E 12 20.55 -7.77 -6.97
N MET E 13 19.74 -7.82 -5.91
CA MET E 13 20.11 -7.32 -4.59
CA MET E 13 20.14 -7.33 -4.61
C MET E 13 20.00 -8.41 -3.53
N SER E 14 21.11 -8.72 -2.87
CA SER E 14 21.07 -9.68 -1.77
C SER E 14 20.59 -8.98 -0.50
N ARG E 15 20.00 -9.75 0.40
CA ARG E 15 19.34 -9.17 1.56
C ARG E 15 19.20 -10.19 2.68
N PRO E 16 20.33 -10.55 3.31
CA PRO E 16 20.35 -11.58 4.36
C PRO E 16 19.37 -11.27 5.49
N GLY E 17 18.59 -12.28 5.89
CA GLY E 17 17.56 -12.11 6.90
C GLY E 17 16.22 -11.76 6.29
N ARG E 18 16.23 -11.43 5.00
CA ARG E 18 15.00 -11.06 4.30
C ARG E 18 14.72 -11.94 3.08
N GLY E 19 15.27 -13.15 3.08
CA GLY E 19 15.00 -14.12 2.03
C GLY E 19 16.02 -14.15 0.90
N GLU E 20 15.64 -14.79 -0.21
CA GLU E 20 16.51 -14.89 -1.38
C GLU E 20 16.74 -13.52 -1.98
N PRO E 21 17.88 -13.33 -2.65
CA PRO E 21 18.16 -12.05 -3.31
C PRO E 21 17.04 -11.67 -4.27
N ARG E 22 16.76 -10.38 -4.37
CA ARG E 22 15.69 -9.91 -5.24
C ARG E 22 16.22 -9.64 -6.63
N PHE E 23 15.45 -10.05 -7.63
CA PHE E 23 15.80 -9.80 -9.03
C PHE E 23 14.69 -8.99 -9.70
N ILE E 24 15.04 -7.84 -10.27
CA ILE E 24 14.10 -6.99 -10.98
C ILE E 24 14.66 -6.71 -12.36
N ALA E 25 13.87 -6.96 -13.39
CA ALA E 25 14.27 -6.65 -14.75
C ALA E 25 13.28 -5.69 -15.39
N VAL E 26 13.80 -4.71 -16.09
CA VAL E 26 12.96 -3.77 -16.81
C VAL E 26 13.51 -3.63 -18.24
N GLY E 27 12.61 -3.53 -19.23
CA GLY E 27 13.03 -3.35 -20.60
C GLY E 27 12.55 -2.04 -21.20
N TYR E 28 13.40 -1.39 -21.99
CA TYR E 28 13.08 -0.10 -22.59
C TYR E 28 13.27 -0.07 -24.10
N VAL E 29 12.31 0.54 -24.80
CA VAL E 29 12.55 1.01 -26.17
C VAL E 29 12.59 2.53 -26.11
N ASP E 30 13.76 3.09 -26.43
CA ASP E 30 14.01 4.52 -26.19
C ASP E 30 13.73 4.88 -24.73
N ASP E 31 12.82 5.83 -24.51
CA ASP E 31 12.45 6.25 -23.17
C ASP E 31 11.09 5.69 -22.75
N THR E 32 10.73 4.55 -23.32
CA THR E 32 9.45 3.90 -23.05
C THR E 32 9.66 2.51 -22.46
N GLN E 33 9.31 2.31 -21.20
CA GLN E 33 9.38 0.98 -20.61
C GLN E 33 8.28 0.09 -21.17
N PHE E 34 8.62 -1.11 -21.62
CA PHE E 34 7.61 -2.00 -22.20
C PHE E 34 7.39 -3.31 -21.44
N VAL E 35 8.37 -3.71 -20.63
CA VAL E 35 8.23 -4.93 -19.83
C VAL E 35 8.84 -4.77 -18.44
N ARG E 36 8.42 -5.65 -17.53
CA ARG E 36 9.00 -5.70 -16.19
C ARG E 36 8.86 -7.09 -15.59
N PHE E 37 9.85 -7.49 -14.81
CA PHE E 37 9.78 -8.70 -14.01
C PHE E 37 10.25 -8.39 -12.60
N ASP E 38 9.47 -8.80 -11.60
CA ASP E 38 9.86 -8.65 -10.19
C ASP E 38 9.78 -10.00 -9.51
N SER E 39 10.91 -10.51 -9.04
CA SER E 39 10.96 -11.82 -8.39
C SER E 39 10.12 -11.85 -7.11
N ASP E 40 9.78 -10.67 -6.60
CA ASP E 40 9.06 -10.55 -5.33
C ASP E 40 7.54 -10.47 -5.50
N ALA E 41 7.07 -10.48 -6.74
CA ALA E 41 5.63 -10.44 -6.99
C ALA E 41 4.92 -11.64 -6.36
N ALA E 42 3.61 -11.56 -6.22
CA ALA E 42 2.82 -12.69 -5.73
C ALA E 42 3.01 -13.85 -6.69
N SER E 43 2.91 -13.55 -7.98
CA SER E 43 3.27 -14.49 -9.03
C SER E 43 4.26 -13.82 -9.98
N PRO E 44 5.54 -14.20 -9.90
CA PRO E 44 6.59 -13.65 -10.76
C PRO E 44 6.33 -13.95 -12.23
N ARG E 45 6.13 -12.90 -13.03
CA ARG E 45 5.94 -13.03 -14.48
C ARG E 45 6.52 -11.81 -15.17
N MET E 46 6.96 -12.01 -16.41
CA MET E 46 7.27 -10.88 -17.27
C MET E 46 5.92 -10.28 -17.67
N ALA E 47 5.76 -8.97 -17.47
CA ALA E 47 4.47 -8.33 -17.65
C ALA E 47 4.57 -7.08 -18.53
N PRO E 48 3.51 -6.79 -19.30
CA PRO E 48 3.48 -5.64 -20.21
C PRO E 48 3.41 -4.31 -19.49
N ARG E 49 4.18 -3.34 -19.97
CA ARG E 49 4.21 -2.00 -19.37
C ARG E 49 3.97 -0.93 -20.42
N ALA E 50 3.67 -1.36 -21.63
CA ALA E 50 3.30 -0.46 -22.71
C ALA E 50 2.19 -1.15 -23.50
N PRO E 51 1.27 -0.39 -24.08
CA PRO E 51 0.14 -0.98 -24.82
C PRO E 51 0.58 -1.84 -26.00
N TRP E 52 1.58 -1.37 -26.73
CA TRP E 52 2.00 -2.01 -27.97
C TRP E 52 2.78 -3.32 -27.79
N ILE E 53 2.93 -3.78 -26.55
CA ILE E 53 3.59 -5.06 -26.29
C ILE E 53 2.59 -6.12 -25.85
N GLU E 54 1.38 -5.68 -25.53
CA GLU E 54 0.34 -6.58 -25.02
C GLU E 54 -0.08 -7.63 -26.06
N GLN E 55 0.19 -7.34 -27.33
CA GLN E 55 -0.23 -8.21 -28.43
C GLN E 55 0.67 -9.42 -28.63
N GLU E 56 1.76 -9.50 -27.87
CA GLU E 56 2.64 -10.67 -27.97
C GLU E 56 1.92 -11.89 -27.39
N GLY E 57 2.13 -13.05 -27.99
CA GLY E 57 1.39 -14.24 -27.62
C GLY E 57 1.90 -14.92 -26.37
N PRO E 58 1.18 -15.97 -25.92
CA PRO E 58 1.50 -16.75 -24.72
C PRO E 58 2.95 -17.23 -24.68
N GLU E 59 3.50 -17.58 -25.83
CA GLU E 59 4.86 -18.10 -25.89
C GLU E 59 5.88 -17.01 -25.53
N TYR E 60 5.56 -15.76 -25.88
CA TYR E 60 6.42 -14.64 -25.54
C TYR E 60 6.46 -14.43 -24.04
N TRP E 61 5.29 -14.34 -23.43
CA TRP E 61 5.17 -14.04 -22.00
C TRP E 61 5.55 -15.22 -21.10
N ASP E 62 5.26 -16.44 -21.54
CA ASP E 62 5.63 -17.64 -20.78
C ASP E 62 7.11 -17.97 -20.97
N GLY E 63 7.66 -17.55 -22.11
CA GLY E 63 9.05 -17.76 -22.41
C GLY E 63 9.95 -16.72 -21.75
N GLU E 64 9.47 -15.48 -21.68
CA GLU E 64 10.21 -14.43 -20.99
C GLU E 64 10.17 -14.65 -19.47
N THR E 65 9.02 -15.14 -18.98
CA THR E 65 8.87 -15.47 -17.57
C THR E 65 9.85 -16.57 -17.14
N ARG E 66 9.98 -17.60 -17.97
CA ARG E 66 10.87 -18.71 -17.66
C ARG E 66 12.34 -18.27 -17.72
N ASN E 67 12.63 -17.35 -18.62
CA ASN E 67 13.99 -16.84 -18.79
C ASN E 67 14.40 -15.87 -17.69
N MET E 68 13.45 -15.08 -17.22
CA MET E 68 13.70 -14.17 -16.10
C MET E 68 13.95 -14.95 -14.83
N LYS E 69 13.23 -16.06 -14.68
CA LYS E 69 13.39 -16.93 -13.52
C LYS E 69 14.75 -17.61 -13.48
N ALA E 70 15.24 -18.02 -14.65
CA ALA E 70 16.56 -18.63 -14.76
C ALA E 70 17.67 -17.59 -14.59
N SER E 71 17.48 -16.41 -15.18
CA SER E 71 18.43 -15.32 -15.03
C SER E 71 18.57 -14.91 -13.56
N ALA E 72 17.44 -14.87 -12.85
CA ALA E 72 17.41 -14.53 -11.44
C ALA E 72 18.23 -15.52 -10.63
N GLN E 73 18.04 -16.81 -10.91
CA GLN E 73 18.80 -17.85 -10.24
C GLN E 73 20.29 -17.78 -10.52
N THR E 74 20.65 -17.44 -11.75
CA THR E 74 22.05 -17.29 -12.11
C THR E 74 22.65 -16.07 -11.41
N TYR E 75 21.94 -14.94 -11.43
CA TYR E 75 22.41 -13.74 -10.76
C TYR E 75 22.61 -13.94 -9.26
N ARG E 76 21.81 -14.83 -8.68
CA ARG E 76 21.96 -15.18 -7.27
C ARG E 76 23.25 -15.96 -7.04
N GLU E 77 23.54 -16.87 -7.97
CA GLU E 77 24.80 -17.60 -7.95
C GLU E 77 25.97 -16.63 -8.12
N ASN E 78 25.75 -15.62 -8.96
CA ASN E 78 26.79 -14.65 -9.27
C ASN E 78 27.08 -13.71 -8.10
N LEU E 79 26.05 -13.37 -7.34
CA LEU E 79 26.23 -12.60 -6.11
C LEU E 79 27.12 -13.37 -5.14
N ARG E 80 26.84 -14.67 -4.98
CA ARG E 80 27.66 -15.53 -4.12
C ARG E 80 29.12 -15.61 -4.55
N ILE E 81 29.35 -15.74 -5.84
CA ILE E 81 30.70 -15.78 -6.37
C ILE E 81 31.40 -14.43 -6.17
N ALA E 82 30.67 -13.35 -6.42
CA ALA E 82 31.21 -12.00 -6.21
C ALA E 82 31.66 -11.79 -4.77
N LEU E 83 30.87 -12.30 -3.82
CA LEU E 83 31.20 -12.29 -2.40
C LEU E 83 32.60 -12.87 -2.17
N ARG E 84 32.92 -13.93 -2.91
CA ARG E 84 34.19 -14.62 -2.75
C ARG E 84 35.35 -13.85 -3.37
N TYR E 85 35.10 -13.22 -4.52
CA TYR E 85 36.12 -12.39 -5.17
C TYR E 85 36.56 -11.24 -4.27
N TYR E 86 35.61 -10.64 -3.58
CA TYR E 86 35.90 -9.48 -2.73
C TYR E 86 36.12 -9.87 -1.27
N ASN E 87 36.10 -11.16 -0.99
CA ASN E 87 36.21 -11.67 0.38
C ASN E 87 35.23 -10.99 1.33
N GLN E 88 33.97 -10.97 0.92
CA GLN E 88 32.93 -10.28 1.67
C GLN E 88 32.06 -11.22 2.49
N SER E 89 31.37 -10.66 3.47
CA SER E 89 30.55 -11.46 4.38
C SER E 89 29.18 -11.73 3.80
N GLU E 90 28.65 -12.91 4.10
CA GLU E 90 27.32 -13.31 3.65
C GLU E 90 26.24 -12.61 4.47
N ALA E 91 26.66 -11.89 5.51
CA ALA E 91 25.72 -11.14 6.34
C ALA E 91 25.41 -9.79 5.72
N GLY E 92 26.27 -9.36 4.80
CA GLY E 92 26.11 -8.06 4.17
C GLY E 92 25.18 -8.08 2.97
N SER E 93 24.84 -6.89 2.49
CA SER E 93 23.91 -6.76 1.38
C SER E 93 24.60 -6.14 0.17
N HIS E 94 24.51 -6.81 -0.98
CA HIS E 94 25.18 -6.34 -2.19
C HIS E 94 24.27 -6.32 -3.41
N ILE E 95 24.64 -5.52 -4.41
CA ILE E 95 23.81 -5.33 -5.59
C ILE E 95 24.59 -5.54 -6.89
N ILE E 96 24.03 -6.33 -7.80
CA ILE E 96 24.53 -6.42 -9.16
C ILE E 96 23.60 -5.66 -10.11
N GLN E 97 24.18 -4.80 -10.94
CA GLN E 97 23.41 -4.08 -11.95
C GLN E 97 23.98 -4.36 -13.34
N VAL E 98 23.11 -4.76 -14.27
CA VAL E 98 23.53 -5.07 -15.63
C VAL E 98 22.65 -4.35 -16.64
N MET E 99 23.29 -3.67 -17.59
CA MET E 99 22.59 -3.05 -18.70
C MET E 99 23.10 -3.67 -19.99
N TYR E 100 22.19 -4.12 -20.85
CA TYR E 100 22.57 -4.55 -22.18
C TYR E 100 21.50 -4.16 -23.19
N GLY E 101 21.90 -4.08 -24.46
CA GLY E 101 20.98 -3.77 -25.54
C GLY E 101 21.69 -3.14 -26.72
N CYS E 102 20.93 -2.66 -27.69
CA CYS E 102 21.50 -2.16 -28.94
C CYS E 102 21.00 -0.78 -29.33
N ASP E 103 21.88 0.00 -29.95
CA ASP E 103 21.51 1.28 -30.53
C ASP E 103 21.54 1.14 -32.05
N VAL E 104 20.40 1.30 -32.70
CA VAL E 104 20.35 1.20 -34.16
C VAL E 104 20.22 2.56 -34.84
N GLY E 105 20.57 2.61 -36.12
CA GLY E 105 20.52 3.83 -36.89
C GLY E 105 19.14 4.10 -37.47
N PRO E 106 18.98 5.23 -38.18
CA PRO E 106 17.72 5.63 -38.79
C PRO E 106 17.28 4.61 -39.85
N ASP E 107 18.26 3.96 -40.47
CA ASP E 107 18.00 2.91 -41.43
C ASP E 107 17.34 1.71 -40.74
N GLY E 108 18.00 1.18 -39.72
CA GLY E 108 17.48 0.06 -38.96
C GLY E 108 18.58 -0.94 -38.63
N ARG E 109 19.83 -0.49 -38.70
CA ARG E 109 20.99 -1.35 -38.46
C ARG E 109 21.83 -0.88 -37.29
N LEU E 110 22.48 -1.84 -36.62
CA LEU E 110 23.25 -1.61 -35.39
C LEU E 110 24.26 -0.48 -35.50
N LEU E 111 24.35 0.32 -34.44
CA LEU E 111 25.37 1.36 -34.33
C LEU E 111 26.32 1.04 -33.18
N ARG E 112 25.77 0.77 -32.01
CA ARG E 112 26.57 0.37 -30.85
C ARG E 112 25.86 -0.70 -30.04
N GLY E 113 26.63 -1.70 -29.61
CA GLY E 113 26.10 -2.76 -28.77
C GLY E 113 26.55 -2.51 -27.34
N HIS E 114 25.70 -2.85 -26.38
CA HIS E 114 26.00 -2.61 -24.97
C HIS E 114 25.86 -3.85 -24.11
N ASP E 115 26.82 -4.03 -23.21
CA ASP E 115 26.73 -5.01 -22.14
C ASP E 115 27.71 -4.62 -21.05
N GLN E 116 27.26 -3.84 -20.08
CA GLN E 116 28.11 -3.38 -18.99
C GLN E 116 27.41 -3.55 -17.66
N SER E 117 28.20 -3.65 -16.59
CA SER E 117 27.64 -3.93 -15.28
C SER E 117 28.27 -3.16 -14.14
N ALA E 118 27.58 -3.16 -13.02
CA ALA E 118 28.09 -2.56 -11.79
C ALA E 118 28.00 -3.55 -10.64
N TYR E 119 28.87 -3.37 -9.66
CA TYR E 119 28.76 -4.10 -8.41
C TYR E 119 28.83 -3.10 -7.27
N ASP E 120 27.78 -3.09 -6.46
CA ASP E 120 27.62 -2.09 -5.39
C ASP E 120 27.81 -0.67 -5.90
N GLY E 121 27.25 -0.40 -7.07
CA GLY E 121 27.20 0.96 -7.61
C GLY E 121 28.45 1.40 -8.35
N LYS E 122 29.43 0.51 -8.42
CA LYS E 122 30.70 0.81 -9.10
C LYS E 122 30.84 -0.04 -10.35
N ASP E 123 31.45 0.53 -11.40
CA ASP E 123 31.71 -0.20 -12.65
C ASP E 123 32.38 -1.54 -12.38
N TYR E 124 31.85 -2.59 -13.00
CA TYR E 124 32.45 -3.91 -12.84
C TYR E 124 33.11 -4.36 -14.13
N ILE E 125 32.31 -4.77 -15.12
CA ILE E 125 32.86 -5.15 -16.42
C ILE E 125 31.95 -4.67 -17.54
N ALA E 126 32.57 -4.26 -18.64
CA ALA E 126 31.85 -3.71 -19.78
C ALA E 126 32.32 -4.34 -21.08
N LEU E 127 31.38 -4.68 -21.95
CA LEU E 127 31.70 -5.13 -23.29
C LEU E 127 32.09 -3.91 -24.13
N ASN E 128 33.29 -3.93 -24.70
CA ASN E 128 33.77 -2.80 -25.49
C ASN E 128 33.00 -2.63 -26.80
N GLU E 129 33.26 -1.51 -27.47
CA GLU E 129 32.54 -1.17 -28.69
C GLU E 129 32.78 -2.17 -29.82
N ASP E 130 33.97 -2.77 -29.84
CA ASP E 130 34.30 -3.79 -30.85
C ASP E 130 33.55 -5.09 -30.63
N LEU E 131 32.85 -5.20 -29.49
CA LEU E 131 32.09 -6.38 -29.13
C LEU E 131 32.95 -7.64 -29.08
N SER E 132 34.21 -7.49 -28.72
CA SER E 132 35.15 -8.60 -28.68
C SER E 132 35.99 -8.61 -27.41
N SER E 133 36.37 -7.42 -26.94
CA SER E 133 37.17 -7.29 -25.73
C SER E 133 36.34 -6.79 -24.55
N TRP E 134 36.92 -6.86 -23.35
CA TRP E 134 36.25 -6.44 -22.14
C TRP E 134 37.05 -5.38 -21.38
N THR E 135 36.36 -4.47 -20.71
CA THR E 135 37.00 -3.50 -19.83
C THR E 135 36.67 -3.80 -18.37
N ALA E 136 37.58 -4.45 -17.68
CA ALA E 136 37.40 -4.77 -16.26
C ALA E 136 37.90 -3.62 -15.40
N ALA E 137 37.05 -3.16 -14.48
CA ALA E 137 37.32 -1.95 -13.71
C ALA E 137 38.13 -2.17 -12.44
N ASP E 138 38.21 -3.43 -11.98
CA ASP E 138 39.09 -3.77 -10.86
C ASP E 138 39.72 -5.16 -11.00
N THR E 139 40.42 -5.61 -9.96
CA THR E 139 41.06 -6.92 -9.98
C THR E 139 40.06 -8.06 -9.81
N ALA E 140 38.88 -7.74 -9.29
CA ALA E 140 37.81 -8.72 -9.16
C ALA E 140 37.15 -8.97 -10.51
N ALA E 141 36.98 -7.90 -11.29
CA ALA E 141 36.41 -8.01 -12.62
C ALA E 141 37.39 -8.66 -13.60
N GLN E 142 38.67 -8.64 -13.25
CA GLN E 142 39.70 -9.29 -14.07
C GLN E 142 39.58 -10.81 -14.03
N ILE E 143 39.15 -11.33 -12.89
CA ILE E 143 38.93 -12.78 -12.74
C ILE E 143 37.80 -13.19 -13.68
N THR E 144 36.74 -12.38 -13.70
CA THR E 144 35.62 -12.61 -14.60
C THR E 144 36.05 -12.41 -16.05
N GLN E 145 36.98 -11.49 -16.27
CA GLN E 145 37.51 -11.22 -17.60
C GLN E 145 38.27 -12.43 -18.18
N ARG E 146 38.97 -13.16 -17.30
CA ARG E 146 39.64 -14.38 -17.71
C ARG E 146 38.63 -15.43 -18.14
N LYS E 147 37.64 -15.64 -17.30
CA LYS E 147 36.62 -16.66 -17.52
C LYS E 147 35.81 -16.40 -18.79
N TRP E 148 35.53 -15.13 -19.07
CA TRP E 148 34.68 -14.78 -20.21
C TRP E 148 35.41 -14.84 -21.54
N GLU E 149 36.70 -14.56 -21.52
CA GLU E 149 37.51 -14.66 -22.73
C GLU E 149 37.80 -16.12 -23.11
N ALA E 150 37.93 -16.99 -22.11
CA ALA E 150 38.14 -18.42 -22.36
C ALA E 150 36.89 -19.09 -22.93
N ALA E 151 35.72 -18.70 -22.42
CA ALA E 151 34.47 -19.36 -22.81
C ALA E 151 33.80 -18.73 -24.02
N ARG E 152 34.47 -17.77 -24.64
CA ARG E 152 33.98 -17.08 -25.84
C ARG E 152 32.62 -16.42 -25.60
N VAL E 153 32.52 -15.69 -24.51
CA VAL E 153 31.27 -15.06 -24.12
C VAL E 153 30.94 -13.87 -25.04
N ALA E 154 31.96 -13.09 -25.37
CA ALA E 154 31.79 -11.89 -26.20
C ALA E 154 31.16 -12.22 -27.54
N GLU E 155 31.50 -13.37 -28.09
CA GLU E 155 30.96 -13.81 -29.37
C GLU E 155 29.46 -14.10 -29.29
N GLN E 156 29.01 -14.72 -28.21
CA GLN E 156 27.58 -14.98 -28.03
C GLN E 156 26.79 -13.70 -27.75
N LEU E 157 27.41 -12.77 -27.03
CA LEU E 157 26.81 -11.45 -26.81
C LEU E 157 26.63 -10.75 -28.15
N ARG E 158 27.72 -10.72 -28.93
CA ARG E 158 27.74 -10.11 -30.25
C ARG E 158 26.65 -10.69 -31.15
N ALA E 159 26.42 -11.99 -31.03
CA ALA E 159 25.41 -12.67 -31.82
C ALA E 159 24.00 -12.17 -31.52
N TYR E 160 23.73 -11.93 -30.24
CA TYR E 160 22.44 -11.40 -29.83
C TYR E 160 22.29 -9.93 -30.21
N LEU E 161 23.35 -9.17 -30.00
CA LEU E 161 23.28 -7.71 -30.19
C LEU E 161 23.16 -7.32 -31.66
N GLU E 162 23.75 -8.12 -32.54
CA GLU E 162 23.66 -7.89 -33.97
C GLU E 162 22.47 -8.65 -34.55
N GLY E 163 22.00 -9.67 -33.84
CA GLY E 163 20.91 -10.50 -34.30
C GLY E 163 19.55 -10.15 -33.71
N LEU E 164 19.08 -10.98 -32.79
CA LEU E 164 17.75 -10.83 -32.21
C LEU E 164 17.46 -9.44 -31.63
N CYS E 165 18.49 -8.77 -31.12
CA CYS E 165 18.30 -7.46 -30.50
C CYS E 165 17.80 -6.44 -31.52
N VAL E 166 18.52 -6.30 -32.63
CA VAL E 166 18.18 -5.35 -33.67
C VAL E 166 16.80 -5.64 -34.26
N GLU E 167 16.52 -6.92 -34.50
CA GLU E 167 15.27 -7.29 -35.16
C GLU E 167 14.05 -7.28 -34.24
N TRP E 168 14.24 -7.44 -32.94
CA TRP E 168 13.14 -7.28 -32.01
C TRP E 168 12.81 -5.81 -31.83
N LEU E 169 13.86 -4.98 -31.82
CA LEU E 169 13.68 -3.54 -31.73
C LEU E 169 12.81 -3.03 -32.88
N ARG E 170 13.15 -3.43 -34.10
CA ARG E 170 12.40 -3.01 -35.28
C ARG E 170 10.93 -3.43 -35.25
N ARG E 171 10.66 -4.62 -34.72
CA ARG E 171 9.29 -5.09 -34.57
C ARG E 171 8.50 -4.21 -33.60
N TYR E 172 9.13 -3.85 -32.48
CA TYR E 172 8.49 -2.99 -31.50
C TYR E 172 8.25 -1.60 -32.07
N LEU E 173 9.24 -1.07 -32.77
CA LEU E 173 9.14 0.25 -33.40
C LEU E 173 8.04 0.30 -34.45
N GLU E 174 7.69 -0.85 -35.03
CA GLU E 174 6.58 -0.93 -35.98
C GLU E 174 5.25 -1.00 -35.26
N ASN E 175 5.13 -1.96 -34.34
CA ASN E 175 3.90 -2.16 -33.58
C ASN E 175 3.50 -0.94 -32.75
N GLY E 176 4.50 -0.15 -32.35
CA GLY E 176 4.24 1.04 -31.57
C GLY E 176 4.71 2.29 -32.29
N LYS E 177 4.64 2.26 -33.61
CA LYS E 177 5.11 3.37 -34.45
C LYS E 177 4.38 4.67 -34.15
N GLU E 178 3.12 4.54 -33.74
CA GLU E 178 2.26 5.68 -33.45
C GLU E 178 2.79 6.53 -32.29
N THR E 179 3.43 5.89 -31.32
CA THR E 179 3.95 6.57 -30.14
C THR E 179 5.48 6.67 -30.13
N LEU E 180 6.13 5.55 -30.42
CA LEU E 180 7.59 5.48 -30.38
C LEU E 180 8.26 6.29 -31.47
N GLN E 181 7.53 6.60 -32.54
CA GLN E 181 8.11 7.34 -33.65
C GLN E 181 7.37 8.66 -33.88
N ARG E 182 6.56 9.03 -32.90
CA ARG E 182 5.89 10.34 -32.92
C ARG E 182 6.71 11.34 -32.13
N ALA E 183 6.82 12.56 -32.67
CA ALA E 183 7.47 13.65 -31.96
C ALA E 183 6.44 14.32 -31.06
N ASP E 184 6.79 14.45 -29.78
CA ASP E 184 5.94 15.17 -28.83
C ASP E 184 6.69 16.35 -28.24
N PRO E 185 6.56 17.53 -28.88
CA PRO E 185 7.26 18.74 -28.43
C PRO E 185 6.76 19.20 -27.07
N PRO E 186 7.58 19.96 -26.34
CA PRO E 186 7.19 20.47 -25.03
C PRO E 186 6.14 21.57 -25.10
N LYS E 187 5.20 21.56 -24.17
CA LYS E 187 4.35 22.73 -23.92
C LYS E 187 5.19 23.64 -23.04
N THR E 188 5.29 24.91 -23.40
CA THR E 188 6.21 25.80 -22.70
C THR E 188 5.55 27.08 -22.16
N HIS E 189 5.89 27.43 -20.93
CA HIS E 189 5.49 28.72 -20.35
C HIS E 189 6.50 29.21 -19.32
N VAL E 190 6.57 30.52 -19.15
CA VAL E 190 7.49 31.16 -18.21
C VAL E 190 6.70 31.80 -17.07
N THR E 191 7.08 31.49 -15.83
CA THR E 191 6.44 32.10 -14.66
C THR E 191 7.37 33.12 -13.99
N HIS E 192 6.84 33.83 -13.01
CA HIS E 192 7.57 34.91 -12.36
C HIS E 192 7.10 35.09 -10.92
N HIS E 193 7.99 34.81 -9.96
CA HIS E 193 7.67 35.00 -8.55
C HIS E 193 8.61 36.01 -7.92
N PRO E 194 8.04 37.06 -7.31
CA PRO E 194 8.86 38.01 -6.54
C PRO E 194 9.33 37.36 -5.24
N ILE E 195 10.63 37.35 -5.00
CA ILE E 195 11.17 36.75 -3.77
C ILE E 195 11.51 37.81 -2.72
N SER E 196 11.50 39.08 -3.14
CA SER E 196 11.79 40.19 -2.24
C SER E 196 11.39 41.52 -2.88
N ASP E 197 11.90 42.61 -2.31
CA ASP E 197 11.69 43.93 -2.87
C ASP E 197 12.65 44.17 -4.02
N HIS E 198 13.73 43.40 -4.03
CA HIS E 198 14.83 43.65 -4.96
C HIS E 198 14.89 42.64 -6.11
N GLU E 199 14.34 41.45 -5.90
CA GLU E 199 14.53 40.38 -6.88
C GLU E 199 13.32 39.48 -7.09
N ALA E 200 13.33 38.78 -8.22
CA ALA E 200 12.27 37.84 -8.55
C ALA E 200 12.82 36.58 -9.20
N THR E 201 12.02 35.53 -9.23
CA THR E 201 12.38 34.28 -9.88
C THR E 201 11.66 34.12 -11.21
N LEU E 202 12.42 33.91 -12.28
CA LEU E 202 11.85 33.56 -13.57
C LEU E 202 12.00 32.06 -13.78
N ARG E 203 10.90 31.37 -14.04
CA ARG E 203 10.97 29.92 -14.24
C ARG E 203 10.42 29.49 -15.61
N CYS E 204 11.30 28.92 -16.43
CA CYS E 204 10.94 28.43 -17.75
C CYS E 204 10.49 26.98 -17.66
N TRP E 205 9.31 26.68 -18.20
CA TRP E 205 8.75 25.33 -18.11
C TRP E 205 8.77 24.57 -19.44
N ALA E 206 8.91 23.26 -19.35
CA ALA E 206 8.74 22.36 -20.48
C ALA E 206 7.94 21.15 -20.02
N LEU E 207 6.75 20.98 -20.56
CA LEU E 207 5.83 19.94 -20.09
C LEU E 207 5.43 18.97 -21.19
N GLY E 208 5.11 17.75 -20.79
CA GLY E 208 4.52 16.76 -21.67
C GLY E 208 5.30 16.39 -22.92
N PHE E 209 6.63 16.48 -22.84
CA PHE E 209 7.45 16.15 -24.00
C PHE E 209 7.96 14.71 -24.01
N TYR E 210 8.20 14.19 -25.21
CA TYR E 210 8.83 12.90 -25.40
C TYR E 210 9.65 12.99 -26.69
N PRO E 211 10.89 12.46 -26.69
CA PRO E 211 11.56 11.77 -25.60
C PRO E 211 12.13 12.70 -24.52
N ALA E 212 12.77 12.13 -23.50
CA ALA E 212 13.22 12.89 -22.34
C ALA E 212 14.32 13.91 -22.62
N GLU E 213 15.10 13.68 -23.67
CA GLU E 213 16.20 14.58 -24.01
C GLU E 213 15.70 15.98 -24.36
N ILE E 214 16.26 16.99 -23.70
CA ILE E 214 15.84 18.36 -23.89
C ILE E 214 16.94 19.30 -23.40
N THR E 215 16.93 20.54 -23.89
CA THR E 215 17.84 21.55 -23.38
C THR E 215 17.11 22.83 -23.04
N LEU E 216 17.23 23.26 -21.79
CA LEU E 216 16.65 24.52 -21.31
C LEU E 216 17.77 25.41 -20.80
N THR E 217 17.88 26.60 -21.37
CA THR E 217 18.94 27.52 -21.00
C THR E 217 18.44 28.95 -20.84
N TRP E 218 18.85 29.61 -19.75
CA TRP E 218 18.55 31.03 -19.58
C TRP E 218 19.72 31.89 -20.07
N GLN E 219 19.37 32.99 -20.73
CA GLN E 219 20.35 33.97 -21.18
C GLN E 219 19.99 35.35 -20.66
N ARG E 220 21.00 36.16 -20.40
CA ARG E 220 20.78 37.57 -20.08
C ARG E 220 21.52 38.41 -21.11
N ASP E 221 20.75 39.14 -21.91
CA ASP E 221 21.27 39.92 -23.04
C ASP E 221 21.91 39.03 -24.11
N GLY E 222 21.48 37.77 -24.16
CA GLY E 222 21.98 36.84 -25.17
C GLY E 222 23.21 36.04 -24.76
N GLU E 223 23.53 36.04 -23.47
CA GLU E 223 24.67 35.26 -22.98
C GLU E 223 24.25 34.30 -21.86
N ASP E 224 24.80 33.09 -21.91
CA ASP E 224 24.42 32.02 -20.98
C ASP E 224 24.62 32.37 -19.49
N GLN E 225 23.69 31.90 -18.68
CA GLN E 225 23.76 32.06 -17.23
C GLN E 225 23.90 30.68 -16.61
N THR E 226 24.95 29.96 -17.00
CA THR E 226 25.14 28.59 -16.58
C THR E 226 25.24 28.45 -15.07
N GLN E 227 26.01 29.34 -14.45
CA GLN E 227 26.26 29.27 -13.01
C GLN E 227 25.14 29.88 -12.16
N ASP E 228 24.27 30.65 -12.79
CA ASP E 228 23.16 31.29 -12.07
C ASP E 228 21.84 30.53 -12.24
N THR E 229 21.77 29.64 -13.22
CA THR E 229 20.56 28.88 -13.52
C THR E 229 20.38 27.67 -12.62
N GLU E 230 19.22 27.57 -11.96
CA GLU E 230 18.87 26.37 -11.23
C GLU E 230 18.10 25.41 -12.13
N LEU E 231 18.72 24.30 -12.48
CA LEU E 231 18.16 23.37 -13.43
C LEU E 231 17.86 22.01 -12.79
N VAL E 232 16.58 21.64 -12.73
CA VAL E 232 16.20 20.36 -12.14
C VAL E 232 16.41 19.19 -13.10
N GLU E 233 16.57 18.01 -12.53
CA GLU E 233 16.64 16.79 -13.32
C GLU E 233 15.32 16.58 -14.08
N THR E 234 15.43 16.13 -15.33
CA THR E 234 14.25 15.76 -16.10
C THR E 234 13.50 14.66 -15.36
N ARG E 235 12.18 14.84 -15.24
CA ARG E 235 11.37 13.97 -14.40
C ARG E 235 10.18 13.42 -15.18
N PRO E 236 9.77 12.18 -14.88
CA PRO E 236 8.61 11.59 -15.53
C PRO E 236 7.32 12.25 -15.06
N ALA E 237 6.39 12.50 -15.99
CA ALA E 237 5.10 13.08 -15.66
C ALA E 237 4.18 12.01 -15.09
N GLY E 238 4.43 10.75 -15.47
CA GLY E 238 3.62 9.64 -15.00
C GLY E 238 2.78 9.05 -16.12
N ASP E 239 2.80 9.72 -17.26
CA ASP E 239 2.05 9.27 -18.43
C ASP E 239 2.97 9.05 -19.64
N ARG E 240 4.19 8.61 -19.36
CA ARG E 240 5.22 8.34 -20.36
C ARG E 240 5.84 9.61 -20.99
N THR E 241 5.29 10.78 -20.64
CA THR E 241 5.91 12.04 -21.05
C THR E 241 6.82 12.56 -19.95
N PHE E 242 7.58 13.62 -20.25
CA PHE E 242 8.54 14.13 -19.29
C PHE E 242 8.37 15.62 -19.03
N GLN E 243 8.87 16.07 -17.87
CA GLN E 243 8.78 17.47 -17.46
C GLN E 243 10.15 17.98 -17.03
N LYS E 244 10.41 19.26 -17.28
CA LYS E 244 11.64 19.89 -16.82
C LYS E 244 11.46 21.40 -16.69
N TRP E 245 12.20 22.02 -15.77
CA TRP E 245 12.22 23.48 -15.72
C TRP E 245 13.59 24.04 -15.40
N ALA E 246 13.80 25.30 -15.78
CA ALA E 246 15.04 26.01 -15.50
C ALA E 246 14.65 27.36 -14.95
N ALA E 247 15.30 27.78 -13.87
CA ALA E 247 14.96 29.04 -13.22
C ALA E 247 16.18 29.89 -12.92
N VAL E 248 15.99 31.20 -12.98
CA VAL E 248 17.03 32.16 -12.67
C VAL E 248 16.45 33.26 -11.77
N VAL E 249 17.26 33.77 -10.85
CA VAL E 249 16.83 34.87 -10.01
C VAL E 249 17.34 36.17 -10.61
N VAL E 250 16.43 37.09 -10.87
CA VAL E 250 16.74 38.32 -11.57
C VAL E 250 16.37 39.54 -10.73
N PRO E 251 17.00 40.70 -11.02
CA PRO E 251 16.52 41.93 -10.40
C PRO E 251 15.13 42.28 -10.94
N SER E 252 14.17 42.48 -10.03
CA SER E 252 12.81 42.83 -10.44
C SER E 252 12.82 44.12 -11.26
N GLY E 253 12.16 44.08 -12.41
CA GLY E 253 12.17 45.21 -13.32
C GLY E 253 13.12 45.02 -14.50
N GLU E 254 13.95 43.98 -14.43
CA GLU E 254 14.88 43.68 -15.52
C GLU E 254 14.57 42.33 -16.15
N GLU E 255 13.34 41.86 -15.99
CA GLU E 255 12.93 40.54 -16.49
C GLU E 255 13.12 40.41 -18.00
N GLN E 256 12.98 41.52 -18.72
CA GLN E 256 13.01 41.49 -20.18
C GLN E 256 14.41 41.33 -20.78
N ARG E 257 15.42 41.35 -19.92
CA ARG E 257 16.80 41.07 -20.35
C ARG E 257 17.01 39.56 -20.46
N TYR E 258 16.04 38.80 -19.97
CA TYR E 258 16.19 37.36 -19.85
C TYR E 258 15.32 36.59 -20.83
N THR E 259 15.95 35.71 -21.59
CA THR E 259 15.24 34.84 -22.53
C THR E 259 15.52 33.37 -22.23
N CYS E 260 14.48 32.55 -22.31
CA CYS E 260 14.62 31.11 -22.14
C CYS E 260 14.64 30.40 -23.49
N HIS E 261 15.64 29.56 -23.71
CA HIS E 261 15.80 28.88 -24.98
C HIS E 261 15.54 27.38 -24.83
N VAL E 262 14.66 26.86 -25.68
CA VAL E 262 14.17 25.50 -25.56
C VAL E 262 14.54 24.64 -26.77
N GLN E 263 15.34 23.59 -26.55
CA GLN E 263 15.70 22.66 -27.61
C GLN E 263 15.07 21.28 -27.40
N HIS E 264 14.29 20.85 -28.38
CA HIS E 264 13.72 19.50 -28.38
C HIS E 264 13.59 19.02 -29.82
N GLU E 265 13.52 17.71 -30.02
CA GLU E 265 13.41 17.17 -31.36
C GLU E 265 11.98 17.18 -31.87
N GLY E 266 11.03 17.41 -30.96
CA GLY E 266 9.63 17.52 -31.34
C GLY E 266 9.29 18.89 -31.89
N LEU E 267 10.22 19.82 -31.74
CA LEU E 267 10.02 21.20 -32.20
C LEU E 267 10.63 21.43 -33.58
N PRO E 268 9.91 22.13 -34.46
CA PRO E 268 10.39 22.54 -35.78
C PRO E 268 11.72 23.29 -35.69
N LYS E 269 11.75 24.34 -34.87
CA LYS E 269 12.99 25.05 -34.56
C LYS E 269 12.98 25.52 -33.09
N PRO E 270 14.17 25.77 -32.52
CA PRO E 270 14.31 26.19 -31.12
C PRO E 270 13.43 27.38 -30.72
N LEU E 271 12.86 27.32 -29.52
CA LEU E 271 11.98 28.36 -29.01
C LEU E 271 12.74 29.39 -28.18
N THR E 272 12.43 30.66 -28.38
CA THR E 272 12.93 31.71 -27.52
C THR E 272 11.76 32.30 -26.73
N LEU E 273 11.83 32.19 -25.41
CA LEU E 273 10.73 32.58 -24.53
C LEU E 273 11.08 33.77 -23.64
N ARG E 274 10.05 34.52 -23.27
CA ARG E 274 10.19 35.62 -22.32
C ARG E 274 9.00 35.61 -21.39
N TRP E 275 9.18 36.15 -20.19
CA TRP E 275 8.06 36.32 -19.28
C TRP E 275 7.12 37.38 -19.84
N GLU E 276 5.83 37.07 -19.86
CA GLU E 276 4.83 37.97 -20.41
C GLU E 276 3.83 38.39 -19.34
N PRO E 277 3.99 39.60 -18.80
CA PRO E 277 3.15 40.13 -17.72
C PRO E 277 1.69 40.23 -18.15
N ILE F 1 29.65 1.94 -3.22
CA ILE F 1 29.45 3.36 -2.99
C ILE F 1 27.98 3.66 -2.73
N GLN F 2 27.71 4.65 -1.89
CA GLN F 2 26.33 5.02 -1.60
C GLN F 2 26.05 6.45 -2.05
N ARG F 3 24.82 6.69 -2.50
CA ARG F 3 24.42 8.00 -3.01
C ARG F 3 23.07 8.40 -2.43
N THR F 4 22.97 9.65 -2.01
CA THR F 4 21.74 10.13 -1.38
C THR F 4 20.73 10.56 -2.44
N PRO F 5 19.44 10.29 -2.19
CA PRO F 5 18.40 10.58 -3.17
C PRO F 5 18.13 12.07 -3.39
N LYS F 6 17.93 12.45 -4.64
CA LYS F 6 17.36 13.74 -4.96
C LYS F 6 15.86 13.52 -4.89
N ILE F 7 15.11 14.59 -4.63
CA ILE F 7 13.66 14.46 -4.42
C ILE F 7 12.92 15.59 -5.12
N GLN F 8 11.92 15.23 -5.93
CA GLN F 8 11.01 16.21 -6.50
C GLN F 8 9.57 15.83 -6.17
N VAL F 9 8.77 16.83 -5.79
CA VAL F 9 7.34 16.64 -5.56
C VAL F 9 6.57 17.57 -6.48
N TYR F 10 5.64 16.99 -7.24
CA TYR F 10 4.96 17.73 -8.29
C TYR F 10 3.70 17.00 -8.75
N SER F 11 2.96 17.61 -9.67
CA SER F 11 1.77 16.98 -10.20
C SER F 11 1.98 16.56 -11.65
N ARG F 12 1.28 15.52 -12.07
CA ARG F 12 1.33 15.05 -13.46
C ARG F 12 0.92 16.19 -14.38
N HIS F 13 -0.20 16.84 -14.05
CA HIS F 13 -0.69 17.96 -14.82
C HIS F 13 -0.72 19.21 -13.94
N PRO F 14 -0.58 20.41 -14.55
CA PRO F 14 -0.63 21.67 -13.80
C PRO F 14 -1.88 21.74 -12.93
N ALA F 15 -1.69 22.09 -11.66
CA ALA F 15 -2.76 22.00 -10.67
C ALA F 15 -3.93 22.96 -10.89
N GLU F 16 -5.13 22.42 -10.77
CA GLU F 16 -6.36 23.21 -10.80
C GLU F 16 -7.19 22.83 -9.59
N ASN F 17 -7.43 23.77 -8.69
CA ASN F 17 -8.20 23.51 -7.49
C ASN F 17 -9.57 22.90 -7.78
N GLY F 18 -9.74 21.65 -7.36
CA GLY F 18 -11.01 20.96 -7.54
C GLY F 18 -11.02 19.92 -8.65
N LYS F 19 -9.98 19.94 -9.48
CA LYS F 19 -9.86 19.00 -10.59
C LYS F 19 -8.90 17.88 -10.24
N SER F 20 -9.38 16.63 -10.35
CA SER F 20 -8.58 15.46 -10.01
C SER F 20 -7.26 15.43 -10.79
N ASN F 21 -6.25 14.80 -10.21
CA ASN F 21 -4.90 14.87 -10.73
C ASN F 21 -4.05 13.75 -10.13
N PHE F 22 -2.75 13.78 -10.40
CA PHE F 22 -1.82 12.84 -9.78
C PHE F 22 -0.71 13.59 -9.07
N LEU F 23 -0.45 13.22 -7.82
CA LEU F 23 0.65 13.78 -7.06
C LEU F 23 1.87 12.88 -7.19
N ASN F 24 2.97 13.42 -7.69
CA ASN F 24 4.16 12.62 -7.97
C ASN F 24 5.31 12.87 -7.00
N CYS F 25 5.94 11.79 -6.54
CA CYS F 25 7.23 11.92 -5.88
C CYS F 25 8.29 11.15 -6.66
N TYR F 26 9.22 11.89 -7.23
CA TYR F 26 10.29 11.31 -8.01
C TYR F 26 11.57 11.29 -7.19
N VAL F 27 12.02 10.09 -6.81
CA VAL F 27 13.29 9.95 -6.12
C VAL F 27 14.32 9.38 -7.09
N SER F 28 15.50 9.99 -7.14
CA SER F 28 16.52 9.58 -8.10
C SER F 28 17.92 9.84 -7.58
N GLY F 29 18.91 9.24 -8.24
CA GLY F 29 20.30 9.44 -7.87
C GLY F 29 20.70 8.76 -6.58
N PHE F 30 19.93 7.77 -6.15
CA PHE F 30 20.21 7.08 -4.89
C PHE F 30 20.79 5.68 -5.06
N HIS F 31 21.51 5.24 -4.03
CA HIS F 31 22.16 3.94 -4.03
C HIS F 31 22.58 3.63 -2.60
N PRO F 32 22.30 2.41 -2.10
CA PRO F 32 21.63 1.27 -2.73
C PRO F 32 20.13 1.47 -2.97
N SER F 33 19.44 0.40 -3.35
CA SER F 33 18.09 0.49 -3.90
C SER F 33 16.97 0.61 -2.87
N ASP F 34 17.19 0.09 -1.67
CA ASP F 34 16.17 0.14 -0.63
C ASP F 34 15.86 1.58 -0.28
N ILE F 35 14.59 1.94 -0.34
CA ILE F 35 14.18 3.31 -0.06
C ILE F 35 12.74 3.35 0.44
N GLU F 36 12.46 4.26 1.37
CA GLU F 36 11.10 4.44 1.87
C GLU F 36 10.58 5.78 1.37
N VAL F 37 9.47 5.73 0.65
CA VAL F 37 8.84 6.95 0.18
C VAL F 37 7.37 6.96 0.58
N ASP F 38 6.94 8.07 1.18
CA ASP F 38 5.54 8.25 1.51
C ASP F 38 5.05 9.60 1.00
N LEU F 39 3.80 9.62 0.54
CA LEU F 39 3.16 10.87 0.21
C LEU F 39 2.30 11.28 1.40
N LEU F 40 2.32 12.57 1.73
CA LEU F 40 1.58 13.06 2.90
C LEU F 40 0.51 14.06 2.49
N LYS F 41 -0.69 13.91 3.04
CA LYS F 41 -1.70 14.94 2.92
C LYS F 41 -1.91 15.56 4.28
N ASN F 42 -1.58 16.84 4.40
CA ASN F 42 -1.61 17.53 5.68
C ASN F 42 -0.83 16.78 6.77
N GLY F 43 0.37 16.32 6.40
CA GLY F 43 1.23 15.63 7.35
C GLY F 43 0.83 14.20 7.62
N GLU F 44 -0.22 13.74 6.95
CA GLU F 44 -0.73 12.39 7.15
C GLU F 44 -0.42 11.48 5.97
N ARG F 45 0.23 10.36 6.24
CA ARG F 45 0.60 9.39 5.21
C ARG F 45 -0.61 8.93 4.40
N ILE F 46 -0.49 9.02 3.08
CA ILE F 46 -1.53 8.53 2.17
C ILE F 46 -1.29 7.05 1.95
N GLU F 47 -2.36 6.25 1.96
CA GLU F 47 -2.23 4.81 2.08
C GLU F 47 -1.99 4.01 0.79
N LYS F 48 -2.76 4.29 -0.26
CA LYS F 48 -2.60 3.54 -1.51
C LYS F 48 -1.82 4.33 -2.56
N VAL F 49 -0.53 4.47 -2.32
CA VAL F 49 0.38 5.09 -3.27
C VAL F 49 1.04 4.00 -4.11
N GLU F 50 1.18 4.26 -5.40
CA GLU F 50 1.84 3.30 -6.28
C GLU F 50 3.19 3.81 -6.75
N HIS F 51 4.05 2.90 -7.19
CA HIS F 51 5.37 3.28 -7.65
C HIS F 51 5.78 2.56 -8.93
N SER F 52 6.56 3.26 -9.75
CA SER F 52 7.12 2.69 -10.96
C SER F 52 8.05 1.53 -10.64
N ASP F 53 8.48 0.81 -11.66
CA ASP F 53 9.39 -0.31 -11.48
C ASP F 53 10.82 0.19 -11.34
N LEU F 54 11.59 -0.46 -10.46
CA LEU F 54 12.95 -0.05 -10.17
C LEU F 54 13.87 -0.10 -11.38
N SER F 55 14.39 1.06 -11.76
CA SER F 55 15.36 1.15 -12.84
C SER F 55 16.51 2.01 -12.37
N PHE F 56 17.53 2.17 -13.22
CA PHE F 56 18.69 2.98 -12.86
C PHE F 56 19.25 3.80 -14.02
N SER F 57 20.13 4.73 -13.69
CA SER F 57 20.70 5.64 -14.68
C SER F 57 22.10 5.19 -15.12
N LYS F 58 22.75 6.03 -15.93
CA LYS F 58 24.04 5.69 -16.50
C LYS F 58 25.16 5.65 -15.46
N ASP F 59 24.93 6.31 -14.32
CA ASP F 59 25.89 6.28 -13.22
C ASP F 59 25.56 5.19 -12.22
N TRP F 60 24.63 4.31 -12.60
CA TRP F 60 24.16 3.18 -11.78
C TRP F 60 23.23 3.58 -10.63
N SER F 61 22.98 4.87 -10.46
CA SER F 61 22.07 5.32 -9.40
C SER F 61 20.62 5.00 -9.76
N PHE F 62 19.82 4.62 -8.76
CA PHE F 62 18.44 4.20 -8.98
C PHE F 62 17.47 5.38 -9.06
N TYR F 63 16.30 5.14 -9.65
CA TYR F 63 15.23 6.13 -9.61
C TYR F 63 13.87 5.46 -9.56
N LEU F 64 12.94 6.10 -8.86
CA LEU F 64 11.57 5.61 -8.71
C LEU F 64 10.59 6.78 -8.78
N LEU F 65 9.41 6.50 -9.31
CA LEU F 65 8.32 7.48 -9.29
C LEU F 65 7.21 6.94 -8.41
N TYR F 66 6.87 7.70 -7.37
CA TYR F 66 5.72 7.38 -6.53
C TYR F 66 4.59 8.35 -6.89
N TYR F 67 3.36 7.84 -6.94
CA TYR F 67 2.25 8.64 -7.40
C TYR F 67 0.92 8.16 -6.82
N THR F 68 -0.03 9.07 -6.76
CA THR F 68 -1.37 8.79 -6.27
C THR F 68 -2.31 9.83 -6.84
N GLU F 69 -3.57 9.46 -7.01
CA GLU F 69 -4.55 10.44 -7.44
C GLU F 69 -4.95 11.33 -6.27
N PHE F 70 -4.99 12.62 -6.55
CA PHE F 70 -5.44 13.58 -5.56
C PHE F 70 -6.28 14.67 -6.22
N THR F 71 -7.12 15.33 -5.42
CA THR F 71 -7.82 16.50 -5.90
C THR F 71 -7.30 17.70 -5.13
N PRO F 72 -6.47 18.52 -5.79
CA PRO F 72 -5.85 19.66 -5.11
C PRO F 72 -6.90 20.70 -4.72
N THR F 73 -6.81 21.19 -3.49
CA THR F 73 -7.67 22.27 -3.04
C THR F 73 -6.81 23.44 -2.59
N GLU F 74 -7.46 24.51 -2.15
CA GLU F 74 -6.76 25.69 -1.65
C GLU F 74 -6.06 25.39 -0.33
N LYS F 75 -6.80 24.78 0.59
CA LYS F 75 -6.31 24.51 1.94
C LYS F 75 -5.26 23.40 2.01
N ASP F 76 -5.55 22.27 1.35
CA ASP F 76 -4.75 21.07 1.51
C ASP F 76 -3.28 21.19 1.09
N GLU F 77 -2.40 20.80 2.01
CA GLU F 77 -0.96 20.75 1.74
C GLU F 77 -0.49 19.31 1.57
N TYR F 78 0.35 19.10 0.56
CA TYR F 78 0.88 17.78 0.27
C TYR F 78 2.39 17.77 0.37
N ALA F 79 2.94 16.66 0.83
CA ALA F 79 4.38 16.52 0.96
C ALA F 79 4.84 15.11 0.63
N CYS F 80 6.15 14.94 0.56
CA CYS F 80 6.74 13.63 0.33
C CYS F 80 7.79 13.40 1.41
N ARG F 81 7.70 12.26 2.09
CA ARG F 81 8.70 11.91 3.10
C ARG F 81 9.54 10.74 2.61
N VAL F 82 10.84 10.96 2.48
CA VAL F 82 11.75 9.93 2.01
C VAL F 82 12.75 9.55 3.09
N ASN F 83 12.86 8.25 3.36
CA ASN F 83 13.89 7.75 4.25
C ASN F 83 14.83 6.78 3.52
N HIS F 84 16.13 7.04 3.63
CA HIS F 84 17.12 6.24 2.93
C HIS F 84 18.32 6.00 3.86
N VAL F 85 19.10 4.96 3.59
CA VAL F 85 20.23 4.62 4.44
C VAL F 85 21.31 5.72 4.47
N THR F 86 21.27 6.64 3.51
CA THR F 86 22.20 7.76 3.50
C THR F 86 21.69 8.92 4.36
N LEU F 87 20.42 8.86 4.73
CA LEU F 87 19.79 9.92 5.52
C LEU F 87 19.73 9.51 6.99
N SER F 88 20.22 10.38 7.87
CA SER F 88 20.15 10.14 9.31
C SER F 88 18.71 10.22 9.81
N GLN F 89 17.93 11.12 9.22
CA GLN F 89 16.50 11.22 9.50
C GLN F 89 15.72 11.45 8.21
N PRO F 90 14.45 11.02 8.17
CA PRO F 90 13.60 11.17 6.98
C PRO F 90 13.53 12.60 6.47
N LYS F 91 13.75 12.78 5.16
CA LYS F 91 13.66 14.09 4.54
C LYS F 91 12.26 14.34 4.00
N ILE F 92 11.70 15.49 4.33
CA ILE F 92 10.36 15.84 3.88
C ILE F 92 10.41 17.03 2.92
N VAL F 93 9.80 16.86 1.76
CA VAL F 93 9.74 17.93 0.76
C VAL F 93 8.29 18.30 0.49
N LYS F 94 7.96 19.56 0.72
CA LYS F 94 6.60 20.04 0.52
C LYS F 94 6.30 20.24 -0.95
N TRP F 95 5.08 19.94 -1.35
CA TRP F 95 4.65 20.19 -2.72
C TRP F 95 4.46 21.68 -2.92
N ASP F 96 5.16 22.22 -3.92
CA ASP F 96 4.97 23.58 -4.36
C ASP F 96 4.40 23.46 -5.76
N ARG F 97 3.16 23.91 -5.97
CA ARG F 97 2.54 23.79 -7.28
C ARG F 97 3.27 24.61 -8.35
N ASP F 98 4.19 25.46 -7.91
CA ASP F 98 5.01 26.26 -8.81
C ASP F 98 6.37 25.60 -9.08
N MET F 99 6.50 24.33 -8.72
CA MET F 99 7.75 23.59 -8.92
C MET F 99 7.51 22.13 -9.31
#